data_3KGW
#
_entry.id   3KGW
#
_cell.length_a   61.360
_cell.length_b   112.729
_cell.length_c   117.193
_cell.angle_alpha   90.00
_cell.angle_beta   90.00
_cell.angle_gamma   90.00
#
_symmetry.space_group_name_H-M   'P 21 21 21'
#
loop_
_entity.id
_entity.type
_entity.pdbx_description
1 polymer 'Alanine-glyoxylate aminotransferase'
2 non-polymer "PYRIDOXAL-5'-PHOSPHATE"
3 non-polymer 'CHLORIDE ION'
4 non-polymer 1,2-ETHANEDIOL
5 water water
#
_entity_poly.entity_id   1
_entity_poly.type   'polypeptide(L)'
_entity_poly.pdbx_seq_one_letter_code
;GMGSYQLLVPPPEALSKPLSVPTRLLLGPGPSNLAPRVLAAGSLRMIGHMQKEMLQIMEEIKQGIQYVFQTRNPLTLVVS
GSGHCAMETALFNLLEPGDSFLTGTNGIWGMRAAEIADRIGARVHQMIKKPGEHYTLQEVEEGLAQHKPVLLFLVHGESS
TGVVQPLDGFGELCHRYQCLLLVDSVASLGGVPIYMDQQGIDIMYSSSQKVLNAPPGISLISFNDKAKYKVYSRKTKPVS
FYTDITYLAKLWGCEGETRVIHHTTPVTSLYCLRESLALIAEQGLENCWRRHREATAHLHKHLQEMGLKFFVKDPEIRLP
TITTVTVPAGYNWRDIVSYVLDHFSIEISGGLGPTEERVLRIGLLGYNATTENVDRVAEALREALQHCPKNKL
;
_entity_poly.pdbx_strand_id   A,B
#
loop_
_chem_comp.id
_chem_comp.type
_chem_comp.name
_chem_comp.formula
CL non-polymer 'CHLORIDE ION' 'Cl -1'
EDO non-polymer 1,2-ETHANEDIOL 'C2 H6 O2'
PLP non-polymer PYRIDOXAL-5'-PHOSPHATE 'C8 H10 N O6 P'
#
# COMPACT_ATOMS: atom_id res chain seq x y z
N GLN A 6 -25.19 24.46 10.52
CA GLN A 6 -23.72 24.76 10.57
C GLN A 6 -23.00 23.44 10.87
N LEU A 7 -22.06 23.05 10.01
CA LEU A 7 -21.33 21.79 10.15
C LEU A 7 -20.34 21.88 11.32
N LEU A 8 -20.12 20.76 12.00
CA LEU A 8 -19.20 20.69 13.15
C LEU A 8 -17.79 21.20 12.80
N VAL A 9 -17.25 20.69 11.70
CA VAL A 9 -15.86 20.97 11.26
C VAL A 9 -15.88 21.81 9.98
N PRO A 10 -15.21 22.99 9.97
CA PRO A 10 -15.19 23.84 8.77
C PRO A 10 -14.08 23.39 7.78
N PRO A 11 -14.17 23.82 6.49
CA PRO A 11 -13.12 23.53 5.49
C PRO A 11 -11.77 24.05 6.01
N PRO A 12 -10.72 23.20 6.08
CA PRO A 12 -9.41 23.63 6.59
C PRO A 12 -8.78 24.71 5.70
N GLU A 13 -8.44 25.86 6.30
CA GLU A 13 -7.79 26.94 5.58
C GLU A 13 -6.47 26.49 4.96
N ALA A 14 -5.75 25.63 5.68
CA ALA A 14 -4.47 25.05 5.21
C ALA A 14 -4.54 24.39 3.83
N LEU A 15 -5.70 23.83 3.45
CA LEU A 15 -5.86 23.22 2.11
C LEU A 15 -6.18 24.20 0.96
N SER A 16 -6.44 25.48 1.27
CA SER A 16 -6.84 26.49 0.27
C SER A 16 -5.74 27.02 -0.66
N LYS A 17 -4.49 26.69 -0.35
CA LYS A 17 -3.35 27.12 -1.14
C LYS A 17 -2.84 25.95 -2.00
N PRO A 18 -2.18 26.26 -3.15
CA PRO A 18 -1.71 25.17 -4.01
C PRO A 18 -0.65 24.31 -3.36
N LEU A 19 -0.58 23.08 -3.86
CA LEU A 19 0.38 22.10 -3.41
C LEU A 19 1.65 22.34 -4.23
N SER A 20 2.77 22.50 -3.53
CA SER A 20 4.08 22.57 -4.18
C SER A 20 5.08 21.80 -3.33
N VAL A 21 6.04 21.18 -4.01
CA VAL A 21 7.09 20.43 -3.35
CA VAL A 21 7.08 20.42 -3.37
C VAL A 21 8.42 20.96 -3.86
N PRO A 22 9.44 21.07 -2.96
CA PRO A 22 10.72 21.59 -3.39
C PRO A 22 11.48 20.59 -4.28
N THR A 23 12.41 21.11 -5.08
CA THR A 23 13.23 20.29 -5.96
C THR A 23 14.50 19.97 -5.20
N ARG A 24 14.71 18.69 -4.92
CA ARG A 24 15.90 18.25 -4.17
C ARG A 24 16.48 16.99 -4.74
N LEU A 25 17.75 16.80 -4.41
CA LEU A 25 18.52 15.58 -4.72
C LEU A 25 18.45 14.71 -3.45
N LEU A 26 17.82 13.55 -3.59
CA LEU A 26 17.56 12.67 -2.45
C LEU A 26 18.63 11.59 -2.40
N LEU A 27 19.65 11.80 -1.57
CA LEU A 27 20.78 10.88 -1.40
C LEU A 27 20.83 10.25 -0.01
N GLY A 28 19.67 10.00 0.54
CA GLY A 28 19.54 9.27 1.78
C GLY A 28 19.30 7.81 1.45
N PRO A 29 18.91 7.04 2.46
CA PRO A 29 18.58 5.64 2.27
C PRO A 29 17.26 5.36 1.54
N GLY A 30 16.49 6.37 1.16
CA GLY A 30 15.23 6.22 0.48
C GLY A 30 14.25 7.24 1.04
N PRO A 31 13.27 7.68 0.23
CA PRO A 31 13.02 7.35 -1.16
C PRO A 31 14.06 8.03 -2.05
N SER A 32 14.28 7.45 -3.21
CA SER A 32 15.19 8.03 -4.17
C SER A 32 14.40 8.92 -5.11
N ASN A 33 15.13 9.74 -5.88
CA ASN A 33 14.52 10.52 -6.93
C ASN A 33 13.96 9.60 -8.04
N LEU A 34 12.89 10.06 -8.67
CA LEU A 34 12.22 9.34 -9.73
C LEU A 34 12.91 9.51 -11.06
N ALA A 35 13.04 8.41 -11.78
CA ALA A 35 13.65 8.41 -13.10
C ALA A 35 12.73 9.15 -14.06
N PRO A 36 13.28 9.78 -15.13
CA PRO A 36 12.37 10.48 -16.07
C PRO A 36 11.21 9.65 -16.64
N ARG A 37 11.44 8.39 -17.01
CA ARG A 37 10.37 7.55 -17.58
CA ARG A 37 10.37 7.54 -17.57
C ARG A 37 9.30 7.31 -16.52
N VAL A 38 9.70 7.25 -15.23
CA VAL A 38 8.78 7.12 -14.11
C VAL A 38 7.98 8.40 -13.91
N LEU A 39 8.69 9.54 -13.95
CA LEU A 39 8.01 10.85 -13.90
C LEU A 39 6.98 10.98 -15.02
N ALA A 40 7.33 10.53 -16.23
CA ALA A 40 6.45 10.62 -17.42
C ALA A 40 5.17 9.79 -17.20
N ALA A 41 5.28 8.69 -16.47
CA ALA A 41 4.12 7.81 -16.18
C ALA A 41 3.23 8.38 -15.09
N GLY A 42 3.71 9.40 -14.37
CA GLY A 42 3.02 9.97 -13.23
C GLY A 42 1.67 10.57 -13.42
N SER A 43 1.41 11.06 -14.63
CA SER A 43 0.12 11.69 -14.96
CA SER A 43 0.15 11.71 -15.00
C SER A 43 -0.67 10.93 -16.03
N LEU A 44 -0.47 9.60 -16.06
CA LEU A 44 -1.28 8.76 -16.94
C LEU A 44 -2.67 8.63 -16.28
N ARG A 45 -3.68 8.53 -17.12
CA ARG A 45 -5.05 8.38 -16.66
C ARG A 45 -5.33 7.01 -16.06
N MET A 46 -6.41 6.96 -15.30
CA MET A 46 -6.90 5.71 -14.74
C MET A 46 -7.64 4.87 -15.76
N ILE A 47 -7.58 3.54 -15.55
CA ILE A 47 -8.42 2.56 -16.23
C ILE A 47 -8.80 1.56 -15.13
N GLY A 48 -9.81 0.74 -15.39
CA GLY A 48 -10.33 -0.21 -14.41
C GLY A 48 -9.27 -1.22 -14.10
N HIS A 49 -9.16 -1.57 -12.83
CA HIS A 49 -8.08 -2.44 -12.36
C HIS A 49 -8.11 -3.90 -12.90
N MET A 50 -9.29 -4.33 -13.36
CA MET A 50 -9.51 -5.68 -13.92
CA MET A 50 -9.45 -5.69 -13.91
C MET A 50 -9.61 -5.70 -15.45
N GLN A 51 -9.50 -4.53 -16.11
CA GLN A 51 -9.60 -4.43 -17.59
C GLN A 51 -8.38 -5.06 -18.30
N LYS A 52 -8.56 -5.43 -19.57
CA LYS A 52 -7.53 -6.21 -20.28
C LYS A 52 -6.16 -5.55 -20.35
N GLU A 53 -6.16 -4.22 -20.48
CA GLU A 53 -4.93 -3.46 -20.56
C GLU A 53 -4.19 -3.47 -19.22
N MET A 54 -4.93 -3.46 -18.13
CA MET A 54 -4.34 -3.54 -16.81
C MET A 54 -3.79 -4.96 -16.58
N LEU A 55 -4.51 -6.00 -17.01
CA LEU A 55 -4.00 -7.37 -16.88
C LEU A 55 -2.69 -7.51 -17.69
N GLN A 56 -2.59 -6.86 -18.86
CA GLN A 56 -1.35 -6.89 -19.66
CA GLN A 56 -1.35 -6.89 -19.66
C GLN A 56 -0.20 -6.20 -18.92
N ILE A 57 -0.48 -5.03 -18.30
CA ILE A 57 0.54 -4.31 -17.53
C ILE A 57 1.01 -5.20 -16.36
N MET A 58 0.09 -5.88 -15.69
CA MET A 58 0.43 -6.80 -14.58
C MET A 58 1.34 -7.91 -15.07
N GLU A 59 1.04 -8.46 -16.26
CA GLU A 59 1.88 -9.55 -16.83
CA GLU A 59 1.87 -9.54 -16.83
C GLU A 59 3.28 -9.04 -17.15
N GLU A 60 3.37 -7.84 -17.71
CA GLU A 60 4.69 -7.19 -18.03
C GLU A 60 5.48 -6.94 -16.73
N ILE A 61 4.81 -6.42 -15.71
CA ILE A 61 5.41 -6.24 -14.39
C ILE A 61 5.96 -7.56 -13.84
N LYS A 62 5.15 -8.62 -13.89
CA LYS A 62 5.61 -9.90 -13.42
CA LYS A 62 5.62 -9.91 -13.42
C LYS A 62 6.91 -10.32 -14.14
N GLN A 63 6.91 -10.20 -15.46
CA GLN A 63 8.09 -10.50 -16.28
CA GLN A 63 8.10 -10.52 -16.26
C GLN A 63 9.31 -9.68 -15.84
N GLY A 64 9.10 -8.37 -15.61
CA GLY A 64 10.12 -7.45 -15.10
C GLY A 64 10.66 -7.86 -13.74
N ILE A 65 9.79 -8.28 -12.84
CA ILE A 65 10.21 -8.74 -11.49
C ILE A 65 11.05 -10.03 -11.62
N GLN A 66 10.57 -10.95 -12.44
CA GLN A 66 11.29 -12.18 -12.74
C GLN A 66 12.71 -11.90 -13.29
N TYR A 67 12.84 -10.88 -14.14
CA TYR A 67 14.15 -10.50 -14.64
C TYR A 67 15.02 -9.90 -13.57
N VAL A 68 14.51 -8.94 -12.81
CA VAL A 68 15.36 -8.24 -11.80
CA VAL A 68 15.34 -8.23 -11.82
C VAL A 68 15.74 -9.17 -10.63
N PHE A 69 14.83 -10.05 -10.21
CA PHE A 69 15.12 -11.07 -9.19
C PHE A 69 15.97 -12.24 -9.71
N GLN A 70 15.95 -12.44 -11.03
CA GLN A 70 16.55 -13.62 -11.69
C GLN A 70 15.89 -14.91 -11.20
N THR A 71 14.58 -14.93 -11.39
CA THR A 71 13.77 -16.09 -11.08
C THR A 71 12.77 -16.42 -12.20
N ARG A 72 12.44 -17.71 -12.31
CA ARG A 72 11.35 -18.20 -13.13
C ARG A 72 10.07 -18.51 -12.32
N ASN A 73 10.08 -18.18 -11.03
CA ASN A 73 8.94 -18.50 -10.17
C ASN A 73 7.63 -17.88 -10.67
N PRO A 74 6.60 -18.70 -10.94
CA PRO A 74 5.35 -18.04 -11.38
CA PRO A 74 5.29 -18.12 -11.33
C PRO A 74 4.63 -17.23 -10.28
N LEU A 75 4.89 -17.53 -8.98
CA LEU A 75 4.27 -16.82 -7.86
CA LEU A 75 4.27 -16.81 -7.85
C LEU A 75 5.19 -15.63 -7.53
N THR A 76 5.18 -14.64 -8.40
CA THR A 76 5.94 -13.43 -8.34
C THR A 76 4.93 -12.30 -8.63
N LEU A 77 4.85 -11.32 -7.76
CA LEU A 77 3.79 -10.32 -7.82
C LEU A 77 4.14 -9.09 -6.99
N VAL A 78 3.24 -8.12 -7.06
CA VAL A 78 3.34 -6.88 -6.31
C VAL A 78 2.41 -6.92 -5.12
N VAL A 79 2.95 -6.52 -3.97
CA VAL A 79 2.23 -6.35 -2.74
C VAL A 79 1.88 -4.87 -2.63
N SER A 80 0.61 -4.61 -2.34
CA SER A 80 0.05 -3.26 -2.34
C SER A 80 0.30 -2.61 -1.00
N GLY A 81 1.60 -2.41 -0.69
CA GLY A 81 2.13 -1.76 0.53
C GLY A 81 3.65 -1.69 0.46
N SER A 82 4.22 -0.96 1.42
N SER A 82 4.30 -0.96 1.34
CA SER A 82 5.59 -0.44 1.40
CA SER A 82 5.75 -0.83 1.34
C SER A 82 6.61 -0.50 2.50
C SER A 82 6.51 -2.10 1.78
N GLY A 83 7.74 0.08 2.10
N GLY A 83 7.81 -1.99 1.86
CA GLY A 83 8.93 0.06 2.88
CA GLY A 83 8.65 -3.16 2.23
C GLY A 83 9.19 -1.42 2.91
C GLY A 83 8.17 -3.82 3.51
N HIS A 84 9.32 -1.98 4.11
N HIS A 84 7.79 -3.02 4.51
CA HIS A 84 9.54 -3.40 4.22
CA HIS A 84 7.21 -3.53 5.77
C HIS A 84 8.23 -4.25 4.35
C HIS A 84 6.02 -4.45 5.54
N CYS A 85 7.01 -3.65 4.48
N CYS A 85 5.16 -4.09 4.58
CA CYS A 85 5.62 -4.37 4.55
CA CYS A 85 4.03 -4.87 4.21
C CYS A 85 5.42 -5.83 4.04
C CYS A 85 4.53 -6.15 3.54
N ALA A 86 5.60 -6.08 2.73
CA ALA A 86 6.01 -7.35 2.13
C ALA A 86 6.60 -8.36 3.15
N MET A 87 7.35 -7.86 4.11
CA MET A 87 7.89 -8.67 5.20
C MET A 87 6.71 -9.38 5.95
N GLU A 88 5.66 -8.64 6.26
CA GLU A 88 4.50 -9.25 6.89
C GLU A 88 3.81 -10.24 5.95
N THR A 89 3.70 -9.94 4.68
CA THR A 89 3.12 -10.90 3.71
C THR A 89 3.90 -12.22 3.72
N ALA A 90 5.24 -12.14 3.73
CA ALA A 90 6.06 -13.35 3.76
C ALA A 90 5.83 -14.15 5.05
N LEU A 91 5.90 -13.43 6.18
CA LEU A 91 5.84 -14.15 7.49
C LEU A 91 4.45 -14.66 7.80
N PHE A 92 3.40 -13.85 7.51
CA PHE A 92 2.03 -14.29 7.78
C PHE A 92 1.69 -15.55 7.01
N ASN A 93 2.20 -15.66 5.79
CA ASN A 93 1.93 -16.86 4.99
C ASN A 93 2.79 -18.07 5.34
N LEU A 94 4.06 -17.86 5.62
CA LEU A 94 5.02 -18.94 5.82
C LEU A 94 5.03 -19.55 7.21
N LEU A 95 4.70 -18.73 8.23
CA LEU A 95 4.76 -19.18 9.61
C LEU A 95 3.42 -19.43 10.25
N GLU A 96 3.30 -20.59 10.92
CA GLU A 96 2.12 -20.97 11.69
C GLU A 96 2.49 -20.84 13.15
N PRO A 97 1.50 -20.66 14.04
CA PRO A 97 1.80 -20.64 15.46
C PRO A 97 2.59 -21.87 15.88
N GLY A 98 3.69 -21.64 16.57
CA GLY A 98 4.56 -22.68 17.04
C GLY A 98 5.71 -23.06 16.14
N ASP A 99 5.71 -22.57 14.89
CA ASP A 99 6.80 -22.85 13.98
C ASP A 99 8.09 -22.20 14.47
N SER A 100 9.18 -22.94 14.36
CA SER A 100 10.50 -22.47 14.68
C SER A 100 10.98 -21.54 13.55
N PHE A 101 11.34 -20.31 13.90
CA PHE A 101 11.77 -19.25 12.96
C PHE A 101 13.10 -18.68 13.42
N LEU A 102 14.03 -18.52 12.50
CA LEU A 102 15.37 -18.02 12.85
C LEU A 102 15.65 -16.76 12.04
N THR A 103 16.18 -15.73 12.71
CA THR A 103 16.56 -14.50 12.04
C THR A 103 18.05 -14.17 12.15
N GLY A 104 18.56 -13.53 11.12
CA GLY A 104 19.87 -12.93 11.15
C GLY A 104 19.69 -11.51 11.67
N THR A 105 19.71 -11.36 12.99
CA THR A 105 19.56 -10.03 13.61
C THR A 105 20.90 -9.34 13.77
N ASN A 106 21.31 -8.65 12.72
CA ASN A 106 22.55 -7.88 12.68
C ASN A 106 22.25 -6.41 12.48
N GLY A 107 21.01 -6.03 12.76
CA GLY A 107 20.55 -4.66 12.62
C GLY A 107 19.06 -4.59 12.88
N ILE A 108 18.45 -3.48 12.47
CA ILE A 108 17.05 -3.27 12.79
C ILE A 108 16.13 -4.27 12.06
N TRP A 109 16.50 -4.73 10.87
CA TRP A 109 15.57 -5.52 10.04
C TRP A 109 15.30 -6.93 10.58
N GLY A 110 16.34 -7.64 11.01
CA GLY A 110 16.12 -8.95 11.62
C GLY A 110 15.33 -8.85 12.92
N MET A 111 15.59 -7.80 13.69
CA MET A 111 14.82 -7.53 14.89
C MET A 111 13.31 -7.30 14.57
N ARG A 112 13.02 -6.52 13.51
CA ARG A 112 11.63 -6.28 13.09
C ARG A 112 10.96 -7.58 12.61
N ALA A 113 11.68 -8.41 11.87
CA ALA A 113 11.12 -9.69 11.48
C ALA A 113 10.77 -10.58 12.64
N ALA A 114 11.66 -10.57 13.65
CA ALA A 114 11.41 -11.32 14.86
C ALA A 114 10.16 -10.84 15.59
N GLU A 115 9.98 -9.52 15.63
CA GLU A 115 8.81 -8.91 16.25
C GLU A 115 7.52 -9.34 15.56
N ILE A 116 7.53 -9.29 14.24
CA ILE A 116 6.35 -9.72 13.48
C ILE A 116 6.03 -11.20 13.71
N ALA A 117 7.05 -12.04 13.68
CA ALA A 117 6.87 -13.48 13.93
C ALA A 117 6.36 -13.77 15.33
N ASP A 118 6.83 -12.98 16.31
CA ASP A 118 6.35 -13.14 17.69
C ASP A 118 4.84 -12.83 17.76
N ARG A 119 4.42 -11.78 17.06
CA ARG A 119 2.99 -11.35 17.03
C ARG A 119 2.03 -12.41 16.50
N ILE A 120 2.53 -13.26 15.60
CA ILE A 120 1.73 -14.33 15.00
C ILE A 120 1.93 -15.70 15.68
N GLY A 121 2.69 -15.72 16.77
CA GLY A 121 2.87 -16.93 17.55
C GLY A 121 3.96 -17.92 17.17
N ALA A 122 4.92 -17.51 16.35
CA ALA A 122 6.06 -18.36 16.04
C ALA A 122 6.95 -18.50 17.24
N ARG A 123 7.77 -19.56 17.25
CA ARG A 123 8.85 -19.72 18.25
C ARG A 123 10.05 -19.07 17.61
N VAL A 124 10.35 -17.85 18.05
CA VAL A 124 11.35 -16.99 17.41
C VAL A 124 12.73 -17.14 18.02
N HIS A 125 13.71 -17.43 17.16
CA HIS A 125 15.10 -17.57 17.54
C HIS A 125 15.92 -16.59 16.73
N GLN A 126 16.99 -16.09 17.32
CA GLN A 126 17.76 -15.05 16.67
C GLN A 126 19.25 -15.26 16.82
N MET A 127 19.95 -15.06 15.71
CA MET A 127 21.41 -15.03 15.69
C MET A 127 21.70 -13.54 15.77
N ILE A 128 22.15 -13.11 16.94
CA ILE A 128 22.42 -11.68 17.18
C ILE A 128 23.86 -11.40 16.98
N LYS A 129 24.16 -10.40 16.13
CA LYS A 129 25.51 -9.95 15.84
C LYS A 129 25.56 -8.45 15.94
N LYS A 130 26.75 -7.93 16.25
CA LYS A 130 26.94 -6.49 16.40
CA LYS A 130 27.01 -6.50 16.39
C LYS A 130 26.66 -5.77 15.09
N PRO A 131 26.09 -4.53 15.17
CA PRO A 131 25.82 -3.76 13.93
C PRO A 131 27.13 -3.48 13.21
N GLY A 132 27.14 -3.72 11.90
CA GLY A 132 28.32 -3.59 11.08
C GLY A 132 28.89 -4.92 10.67
N GLU A 133 28.34 -6.03 11.21
CA GLU A 133 28.81 -7.36 10.91
C GLU A 133 27.84 -8.13 9.99
N HIS A 134 28.35 -9.20 9.40
CA HIS A 134 27.58 -10.08 8.48
C HIS A 134 27.66 -11.50 9.07
N TYR A 135 26.88 -12.43 8.50
CA TYR A 135 26.89 -13.86 8.91
C TYR A 135 27.74 -14.70 7.98
N THR A 136 28.51 -15.61 8.56
CA THR A 136 29.26 -16.58 7.77
C THR A 136 28.37 -17.82 7.63
N LEU A 137 28.72 -18.72 6.70
CA LEU A 137 28.02 -20.01 6.58
C LEU A 137 28.09 -20.86 7.87
N GLN A 138 29.23 -20.78 8.58
CA GLN A 138 29.45 -21.53 9.80
CA GLN A 138 29.42 -21.56 9.83
C GLN A 138 28.49 -21.03 10.90
N GLU A 139 28.36 -19.71 11.04
CA GLU A 139 27.42 -19.14 12.01
C GLU A 139 25.98 -19.54 11.72
N VAL A 140 25.59 -19.46 10.45
CA VAL A 140 24.25 -19.85 10.06
C VAL A 140 24.02 -21.35 10.33
N GLU A 141 24.99 -22.19 10.00
CA GLU A 141 24.85 -23.64 10.26
C GLU A 141 24.62 -23.92 11.75
N GLU A 142 25.38 -23.21 12.59
CA GLU A 142 25.24 -23.35 14.06
C GLU A 142 23.83 -22.96 14.54
N GLY A 143 23.25 -21.90 13.98
CA GLY A 143 21.87 -21.52 14.32
C GLY A 143 20.83 -22.55 13.86
N LEU A 144 21.01 -23.07 12.64
CA LEU A 144 20.09 -24.05 12.07
C LEU A 144 20.07 -25.34 12.91
N ALA A 145 21.26 -25.83 13.20
CA ALA A 145 21.42 -27.05 14.03
C ALA A 145 20.82 -26.91 15.44
N GLN A 146 20.99 -25.74 16.04
CA GLN A 146 20.50 -25.45 17.37
C GLN A 146 18.97 -25.29 17.46
N HIS A 147 18.41 -24.50 16.54
CA HIS A 147 17.00 -24.14 16.59
C HIS A 147 16.04 -24.91 15.69
N LYS A 148 16.58 -25.64 14.72
CA LYS A 148 15.80 -26.44 13.80
C LYS A 148 14.62 -25.65 13.22
N PRO A 149 14.92 -24.49 12.62
CA PRO A 149 13.82 -23.68 12.06
C PRO A 149 13.23 -24.17 10.76
N VAL A 150 11.98 -23.79 10.52
CA VAL A 150 11.32 -24.03 9.22
C VAL A 150 11.63 -22.93 8.19
N LEU A 151 12.06 -21.76 8.69
CA LEU A 151 12.36 -20.60 7.88
C LEU A 151 13.52 -19.81 8.54
N LEU A 152 14.43 -19.38 7.69
CA LEU A 152 15.51 -18.45 8.04
C LEU A 152 15.27 -17.14 7.30
N PHE A 153 15.34 -16.02 8.04
CA PHE A 153 15.28 -14.67 7.48
C PHE A 153 16.70 -14.07 7.47
N LEU A 154 17.19 -13.70 6.29
CA LEU A 154 18.50 -13.10 6.11
CA LEU A 154 18.50 -13.04 6.13
C LEU A 154 18.30 -11.75 5.36
N VAL A 155 18.96 -10.69 5.81
CA VAL A 155 18.91 -9.38 5.15
C VAL A 155 20.09 -9.27 4.19
N HIS A 156 19.81 -8.98 2.92
CA HIS A 156 20.88 -8.82 1.92
C HIS A 156 21.57 -7.47 2.09
N GLY A 157 20.78 -6.39 2.03
CA GLY A 157 21.26 -5.02 2.18
C GLY A 157 20.74 -4.47 3.50
N GLU A 158 21.59 -4.41 4.51
CA GLU A 158 21.15 -3.94 5.84
C GLU A 158 21.27 -2.43 5.81
N SER A 159 20.16 -1.77 5.53
CA SER A 159 20.11 -0.29 5.40
C SER A 159 20.36 0.45 6.72
N SER A 160 20.18 -0.22 7.88
CA SER A 160 20.47 0.44 9.16
C SER A 160 21.96 0.46 9.44
N THR A 161 22.71 -0.52 8.96
CA THR A 161 24.16 -0.61 9.30
C THR A 161 25.11 -0.41 8.12
N GLY A 162 24.56 -0.38 6.89
CA GLY A 162 25.37 -0.26 5.66
C GLY A 162 26.15 -1.51 5.29
N VAL A 163 25.60 -2.70 5.62
CA VAL A 163 26.24 -3.99 5.38
C VAL A 163 25.58 -4.77 4.24
N VAL A 164 26.42 -5.36 3.38
CA VAL A 164 25.97 -6.31 2.35
C VAL A 164 26.33 -7.72 2.79
N GLN A 165 25.34 -8.60 2.80
CA GLN A 165 25.52 -9.99 3.21
C GLN A 165 25.85 -10.87 2.00
N PRO A 166 26.96 -11.65 2.08
CA PRO A 166 27.19 -12.64 1.04
C PRO A 166 26.03 -13.64 1.00
N LEU A 167 25.59 -14.05 -0.21
CA LEU A 167 24.47 -14.96 -0.37
C LEU A 167 24.84 -16.35 -0.89
N ASP A 168 26.03 -16.54 -1.48
CA ASP A 168 26.34 -17.85 -2.05
C ASP A 168 26.38 -18.93 -0.99
N GLY A 169 25.71 -20.05 -1.22
CA GLY A 169 25.68 -21.17 -0.29
C GLY A 169 24.66 -21.23 0.82
N PHE A 170 24.07 -20.08 1.18
CA PHE A 170 23.17 -20.03 2.29
C PHE A 170 21.87 -20.82 2.08
N GLY A 171 21.26 -20.67 0.90
CA GLY A 171 20.02 -21.41 0.60
C GLY A 171 20.19 -22.91 0.65
N GLU A 172 21.26 -23.42 0.08
CA GLU A 172 21.49 -24.89 0.09
C GLU A 172 21.84 -25.39 1.47
N LEU A 173 22.50 -24.56 2.27
CA LEU A 173 22.73 -24.88 3.67
C LEU A 173 21.38 -25.04 4.38
N CYS A 174 20.48 -24.08 4.18
CA CYS A 174 19.16 -24.17 4.79
C CYS A 174 18.44 -25.45 4.39
N HIS A 175 18.50 -25.80 3.11
CA HIS A 175 17.75 -26.96 2.58
C HIS A 175 18.22 -28.29 3.23
N ARG A 176 19.50 -28.33 3.58
CA ARG A 176 20.07 -29.50 4.31
CA ARG A 176 20.05 -29.50 4.30
C ARG A 176 19.42 -29.69 5.69
N TYR A 177 18.93 -28.60 6.27
CA TYR A 177 18.25 -28.60 7.55
C TYR A 177 16.70 -28.51 7.42
N GLN A 178 16.19 -28.77 6.20
CA GLN A 178 14.77 -28.72 5.88
CA GLN A 178 14.75 -28.74 5.92
C GLN A 178 14.18 -27.35 6.26
N CYS A 179 14.96 -26.32 5.94
CA CYS A 179 14.64 -24.91 6.23
C CYS A 179 14.58 -24.11 4.93
N LEU A 180 13.59 -23.22 4.84
CA LEU A 180 13.46 -22.33 3.70
C LEU A 180 14.27 -21.05 3.92
N LEU A 181 14.74 -20.43 2.85
CA LEU A 181 15.50 -19.15 2.97
C LEU A 181 14.67 -17.98 2.39
N LEU A 182 14.38 -16.99 3.25
CA LEU A 182 13.72 -15.76 2.91
C LEU A 182 14.77 -14.66 3.01
N VAL A 183 14.92 -13.90 1.93
CA VAL A 183 15.84 -12.81 1.83
C VAL A 183 15.15 -11.47 1.63
N ASP A 184 15.57 -10.50 2.42
CA ASP A 184 15.16 -9.10 2.23
C ASP A 184 16.20 -8.41 1.30
N SER A 185 15.77 -7.97 0.11
CA SER A 185 16.60 -7.19 -0.79
C SER A 185 16.04 -5.82 -1.12
N VAL A 186 15.32 -5.24 -0.14
CA VAL A 186 14.78 -3.92 -0.31
C VAL A 186 15.85 -2.89 -0.70
N ALA A 187 16.99 -2.93 -0.01
CA ALA A 187 18.04 -1.92 -0.20
C ALA A 187 19.10 -2.31 -1.18
N SER A 188 19.06 -3.54 -1.69
CA SER A 188 20.10 -4.09 -2.56
C SER A 188 19.67 -4.39 -3.98
N LEU A 189 18.40 -4.76 -4.17
CA LEU A 189 17.96 -5.18 -5.50
C LEU A 189 18.23 -4.13 -6.54
N GLY A 190 18.76 -4.56 -7.68
CA GLY A 190 19.14 -3.62 -8.75
C GLY A 190 20.51 -2.99 -8.62
N GLY A 191 21.09 -3.03 -7.43
CA GLY A 191 22.42 -2.43 -7.16
C GLY A 191 23.49 -3.37 -6.81
N VAL A 192 23.13 -4.57 -6.36
CA VAL A 192 24.04 -5.59 -5.92
C VAL A 192 23.65 -6.93 -6.54
N PRO A 193 24.63 -7.71 -7.09
CA PRO A 193 24.26 -9.01 -7.67
C PRO A 193 23.41 -9.96 -6.76
N ILE A 194 22.30 -10.46 -7.32
CA ILE A 194 21.42 -11.45 -6.65
C ILE A 194 20.92 -12.34 -7.79
N TYR A 195 20.90 -13.64 -7.58
CA TYR A 195 20.42 -14.59 -8.61
C TYR A 195 19.49 -15.49 -7.79
N MET A 196 18.22 -15.11 -7.69
CA MET A 196 17.35 -15.80 -6.73
C MET A 196 17.36 -17.32 -6.87
N ASP A 197 17.08 -17.79 -8.07
CA ASP A 197 17.02 -19.25 -8.30
C ASP A 197 18.37 -19.95 -8.16
N GLN A 198 19.40 -19.37 -8.76
CA GLN A 198 20.76 -19.95 -8.77
CA GLN A 198 20.75 -19.96 -8.76
C GLN A 198 21.38 -20.02 -7.37
N GLN A 199 21.00 -19.08 -6.51
CA GLN A 199 21.47 -19.04 -5.12
C GLN A 199 20.64 -19.85 -4.13
N GLY A 200 19.58 -20.52 -4.60
CA GLY A 200 18.75 -21.33 -3.74
C GLY A 200 17.87 -20.53 -2.76
N ILE A 201 17.54 -19.31 -3.11
CA ILE A 201 16.68 -18.41 -2.29
C ILE A 201 15.25 -18.82 -2.59
N ASP A 202 14.47 -19.12 -1.55
CA ASP A 202 13.10 -19.61 -1.69
C ASP A 202 12.06 -18.52 -1.76
N ILE A 203 12.23 -17.47 -0.93
CA ILE A 203 11.34 -16.31 -0.90
C ILE A 203 12.21 -15.06 -0.87
N MET A 204 11.82 -14.05 -1.62
CA MET A 204 12.55 -12.77 -1.65
C MET A 204 11.56 -11.64 -1.85
N TYR A 205 11.81 -10.51 -1.20
CA TYR A 205 11.04 -9.29 -1.44
C TYR A 205 11.97 -8.08 -1.52
N SER A 206 11.49 -7.05 -2.19
CA SER A 206 12.11 -5.74 -2.31
C SER A 206 11.03 -4.67 -2.41
N SER A 207 11.40 -3.41 -2.58
CA SER A 207 10.49 -2.27 -2.62
CA SER A 207 10.40 -2.35 -2.70
CA SER A 207 10.41 -2.34 -2.69
C SER A 207 10.68 -1.43 -3.89
N SER A 208 9.74 -0.55 -4.15
CA SER A 208 9.79 0.32 -5.31
C SER A 208 10.72 1.53 -5.22
N GLN A 209 10.96 2.02 -4.01
CA GLN A 209 11.52 3.38 -3.82
C GLN A 209 12.99 3.49 -3.56
N LYS A 210 13.73 2.38 -3.66
CA LYS A 210 15.17 2.46 -3.45
CA LYS A 210 15.15 2.38 -3.42
C LYS A 210 15.82 2.43 -4.81
N VAL A 211 16.55 1.40 -5.20
CA VAL A 211 17.24 1.42 -6.51
C VAL A 211 16.25 1.59 -7.70
N LEU A 212 15.04 1.04 -7.57
CA LEU A 212 14.07 1.11 -8.65
C LEU A 212 13.58 2.52 -9.00
N ASN A 213 13.70 3.52 -8.10
CA ASN A 213 13.36 4.90 -8.43
C ASN A 213 11.88 5.08 -8.77
N ALA A 214 11.00 4.31 -8.10
CA ALA A 214 9.56 4.49 -8.27
C ALA A 214 9.03 5.07 -6.98
N PRO A 215 7.79 5.57 -7.00
CA PRO A 215 7.30 6.15 -5.75
C PRO A 215 7.11 5.04 -4.66
N PRO A 216 7.30 5.38 -3.41
CA PRO A 216 7.07 4.41 -2.32
C PRO A 216 5.62 3.97 -2.22
N GLY A 217 5.41 2.82 -1.63
CA GLY A 217 4.03 2.34 -1.45
C GLY A 217 3.70 0.96 -1.92
N ILE A 218 4.53 0.43 -2.83
CA ILE A 218 4.35 -0.94 -3.30
C ILE A 218 5.66 -1.73 -3.14
N SER A 219 5.51 -3.05 -3.12
CA SER A 219 6.65 -3.95 -2.93
CA SER A 219 6.61 -3.98 -2.90
C SER A 219 6.54 -5.14 -3.86
N LEU A 220 7.66 -5.81 -4.02
CA LEU A 220 7.85 -6.92 -4.95
CA LEU A 220 7.86 -6.91 -4.96
C LEU A 220 8.13 -8.17 -4.15
N ILE A 221 7.50 -9.27 -4.49
CA ILE A 221 7.70 -10.52 -3.77
C ILE A 221 7.65 -11.71 -4.72
N SER A 222 8.43 -12.72 -4.36
CA SER A 222 8.44 -13.96 -5.14
C SER A 222 8.60 -15.14 -4.19
N PHE A 223 7.78 -16.15 -4.43
CA PHE A 223 7.82 -17.43 -3.63
C PHE A 223 8.05 -18.55 -4.63
N ASN A 224 8.97 -19.45 -4.34
CA ASN A 224 9.13 -20.64 -5.18
C ASN A 224 8.09 -21.70 -4.78
N ASP A 225 8.03 -22.79 -5.53
CA ASP A 225 7.07 -23.86 -5.26
C ASP A 225 7.34 -24.56 -3.93
N LYS A 226 8.59 -24.69 -3.48
CA LYS A 226 8.87 -25.21 -2.15
C LYS A 226 8.24 -24.35 -1.03
N ALA A 227 8.32 -23.03 -1.18
CA ALA A 227 7.69 -22.11 -0.23
C ALA A 227 6.18 -22.20 -0.35
N LYS A 228 5.67 -22.32 -1.57
CA LYS A 228 4.23 -22.48 -1.78
C LYS A 228 3.73 -23.78 -1.12
N TYR A 229 4.53 -24.84 -1.20
CA TYR A 229 4.20 -26.11 -0.49
C TYR A 229 4.07 -25.91 1.03
N LYS A 230 4.97 -25.10 1.60
CA LYS A 230 4.86 -24.79 3.06
C LYS A 230 3.51 -24.10 3.35
N VAL A 231 3.13 -23.13 2.51
CA VAL A 231 1.87 -22.39 2.68
C VAL A 231 0.66 -23.35 2.59
N TYR A 232 0.67 -24.25 1.58
CA TYR A 232 -0.45 -25.21 1.43
C TYR A 232 -0.53 -26.33 2.42
N SER A 233 0.54 -26.57 3.18
CA SER A 233 0.62 -27.51 4.24
C SER A 233 0.06 -26.96 5.58
N ARG A 234 -0.31 -25.68 5.62
CA ARG A 234 -0.77 -25.05 6.86
C ARG A 234 -2.04 -25.70 7.45
N LYS A 235 -2.14 -25.68 8.76
CA LYS A 235 -3.34 -26.17 9.49
C LYS A 235 -4.47 -25.12 9.47
N THR A 236 -4.09 -23.83 9.46
CA THR A 236 -5.00 -22.72 9.49
C THR A 236 -4.70 -21.70 8.41
N LYS A 237 -5.73 -20.91 8.07
CA LYS A 237 -5.58 -19.78 7.15
C LYS A 237 -4.68 -18.70 7.82
N PRO A 238 -3.92 -17.95 7.00
CA PRO A 238 -3.13 -16.86 7.56
C PRO A 238 -4.03 -15.78 8.11
N VAL A 239 -3.51 -14.98 9.03
CA VAL A 239 -4.29 -13.98 9.71
C VAL A 239 -4.88 -12.89 8.87
N SER A 240 -4.25 -12.59 7.73
CA SER A 240 -4.71 -11.51 6.87
C SER A 240 -5.27 -12.06 5.60
N PHE A 241 -6.48 -11.69 5.29
CA PHE A 241 -7.12 -12.05 4.01
C PHE A 241 -6.44 -11.31 2.83
N TYR A 242 -6.18 -10.04 2.97
N TYR A 242 -6.21 -9.98 3.01
CA TYR A 242 -5.64 -9.22 1.90
CA TYR A 242 -5.54 -8.94 2.09
C TYR A 242 -4.15 -9.33 1.60
C TYR A 242 -4.25 -9.55 1.55
N THR A 243 -3.40 -10.05 2.44
CA THR A 243 -2.05 -10.51 2.07
C THR A 243 -1.94 -12.04 1.97
N ASP A 244 -3.07 -12.77 1.97
CA ASP A 244 -3.08 -14.19 1.88
C ASP A 244 -2.58 -14.52 0.46
N ILE A 245 -1.51 -15.30 0.37
CA ILE A 245 -0.81 -15.47 -0.91
C ILE A 245 -1.66 -16.33 -1.84
N THR A 246 -2.59 -17.12 -1.27
CA THR A 246 -3.55 -17.90 -2.11
C THR A 246 -4.52 -16.97 -2.86
N TYR A 247 -4.90 -15.85 -2.24
CA TYR A 247 -5.72 -14.86 -2.92
C TYR A 247 -4.90 -14.02 -3.88
N LEU A 248 -3.75 -13.51 -3.41
CA LEU A 248 -2.89 -12.68 -4.28
C LEU A 248 -2.44 -13.42 -5.54
N ALA A 249 -2.15 -14.70 -5.43
CA ALA A 249 -1.71 -15.51 -6.58
C ALA A 249 -2.79 -15.51 -7.69
N LYS A 250 -4.05 -15.65 -7.29
CA LYS A 250 -5.15 -15.68 -8.25
C LYS A 250 -5.36 -14.29 -8.86
N LEU A 251 -5.35 -13.25 -8.04
CA LEU A 251 -5.45 -11.86 -8.50
C LEU A 251 -4.40 -11.54 -9.59
N TRP A 252 -3.16 -11.95 -9.32
CA TRP A 252 -2.03 -11.70 -10.21
C TRP A 252 -1.84 -12.73 -11.35
N GLY A 253 -2.78 -13.67 -11.51
CA GLY A 253 -2.68 -14.62 -12.65
C GLY A 253 -1.56 -15.62 -12.58
N CYS A 254 -1.19 -15.99 -11.34
CA CYS A 254 -0.09 -16.95 -11.09
C CYS A 254 -0.51 -18.41 -11.07
N GLU A 255 -1.81 -18.67 -11.20
CA GLU A 255 -2.39 -20.02 -11.15
C GLU A 255 -3.27 -20.23 -12.39
N GLY A 256 -2.66 -19.98 -13.54
CA GLY A 256 -3.32 -20.16 -14.82
C GLY A 256 -4.24 -19.03 -15.24
N GLU A 257 -5.28 -19.38 -16.01
CA GLU A 257 -6.18 -18.39 -16.65
C GLU A 257 -7.10 -17.56 -15.74
N THR A 258 -7.88 -18.24 -14.89
CA THR A 258 -8.91 -17.57 -14.06
C THR A 258 -8.41 -16.82 -12.78
N ARG A 259 -8.93 -15.61 -12.65
CA ARG A 259 -8.63 -14.67 -11.58
C ARG A 259 -9.67 -14.80 -10.45
N VAL A 260 -9.53 -13.95 -9.43
CA VAL A 260 -10.52 -13.82 -8.35
C VAL A 260 -10.61 -12.32 -8.04
N ILE A 261 -11.81 -11.86 -7.65
CA ILE A 261 -12.01 -10.46 -7.25
C ILE A 261 -11.44 -10.41 -5.82
N HIS A 262 -10.56 -9.44 -5.56
CA HIS A 262 -9.89 -9.37 -4.25
C HIS A 262 -9.91 -7.90 -3.80
N HIS A 263 -8.80 -7.16 -3.93
CA HIS A 263 -8.76 -5.72 -3.59
C HIS A 263 -8.57 -4.87 -4.86
N THR A 264 -8.72 -3.56 -4.71
CA THR A 264 -8.46 -2.64 -5.83
C THR A 264 -6.98 -2.34 -5.84
N THR A 265 -6.29 -2.75 -6.91
CA THR A 265 -4.83 -2.56 -6.98
C THR A 265 -4.47 -1.08 -7.23
N PRO A 266 -3.27 -0.69 -6.82
CA PRO A 266 -2.83 0.69 -6.97
C PRO A 266 -2.34 0.94 -8.40
N VAL A 267 -3.31 1.22 -9.25
CA VAL A 267 -3.10 1.36 -10.71
C VAL A 267 -1.96 2.32 -11.10
N THR A 268 -1.94 3.52 -10.55
CA THR A 268 -0.89 4.49 -10.95
C THR A 268 0.50 4.08 -10.44
N SER A 269 0.55 3.43 -9.28
CA SER A 269 1.80 2.90 -8.74
CA SER A 269 1.83 2.95 -8.77
C SER A 269 2.32 1.81 -9.69
N LEU A 270 1.39 0.98 -10.20
CA LEU A 270 1.77 -0.08 -11.18
C LEU A 270 2.33 0.51 -12.47
N TYR A 271 1.76 1.61 -12.96
CA TYR A 271 2.32 2.25 -14.14
C TYR A 271 3.79 2.63 -13.89
N CYS A 272 4.05 3.25 -12.72
CA CYS A 272 5.41 3.70 -12.39
C CYS A 272 6.41 2.53 -12.26
N LEU A 273 5.96 1.47 -11.58
CA LEU A 273 6.78 0.29 -11.41
C LEU A 273 7.10 -0.36 -12.75
N ARG A 274 6.12 -0.43 -13.64
CA ARG A 274 6.35 -0.97 -14.98
C ARG A 274 7.48 -0.22 -15.69
N GLU A 275 7.45 1.11 -15.60
CA GLU A 275 8.52 1.91 -16.23
C GLU A 275 9.89 1.71 -15.56
N SER A 276 9.89 1.62 -14.23
CA SER A 276 11.13 1.38 -13.48
CA SER A 276 11.12 1.36 -13.45
CA SER A 276 11.12 1.37 -13.47
C SER A 276 11.76 0.05 -13.89
N LEU A 277 10.93 -0.97 -14.01
CA LEU A 277 11.40 -2.30 -14.43
C LEU A 277 11.90 -2.25 -15.88
N ALA A 278 11.21 -1.51 -16.74
CA ALA A 278 11.64 -1.32 -18.13
C ALA A 278 13.05 -0.73 -18.21
N LEU A 279 13.31 0.25 -17.34
CA LEU A 279 14.62 0.89 -17.35
C LEU A 279 15.73 -0.07 -17.00
N ILE A 280 15.51 -0.90 -15.98
CA ILE A 280 16.50 -1.90 -15.58
C ILE A 280 16.70 -2.92 -16.69
N ALA A 281 15.60 -3.36 -17.31
CA ALA A 281 15.69 -4.34 -18.41
C ALA A 281 16.48 -3.79 -19.62
N GLU A 282 16.31 -2.51 -19.91
CA GLU A 282 17.01 -1.88 -21.04
CA GLU A 282 16.99 -1.78 -21.01
C GLU A 282 18.49 -1.70 -20.79
N GLN A 283 18.86 -1.29 -19.57
CA GLN A 283 20.26 -1.12 -19.16
C GLN A 283 20.92 -2.47 -19.00
N GLY A 284 20.18 -3.44 -18.46
CA GLY A 284 20.70 -4.74 -18.15
C GLY A 284 21.29 -4.73 -16.73
N LEU A 285 21.08 -5.81 -15.99
CA LEU A 285 21.56 -5.93 -14.59
C LEU A 285 23.08 -5.77 -14.43
N GLU A 286 23.86 -6.30 -15.36
CA GLU A 286 25.31 -6.19 -15.25
C GLU A 286 25.73 -4.73 -15.26
N ASN A 287 25.17 -3.94 -16.17
CA ASN A 287 25.47 -2.49 -16.22
C ASN A 287 24.96 -1.76 -14.98
N CYS A 288 23.79 -2.16 -14.47
CA CYS A 288 23.27 -1.57 -13.24
CA CYS A 288 23.26 -1.55 -13.26
C CYS A 288 24.22 -1.84 -12.08
N TRP A 289 24.68 -3.08 -11.96
CA TRP A 289 25.57 -3.45 -10.89
C TRP A 289 26.91 -2.74 -10.96
N ARG A 290 27.41 -2.60 -12.18
CA ARG A 290 28.65 -1.89 -12.41
C ARG A 290 28.52 -0.40 -12.05
N ARG A 291 27.43 0.24 -12.44
CA ARG A 291 27.23 1.68 -12.17
CA ARG A 291 27.28 1.68 -12.16
C ARG A 291 27.20 1.96 -10.66
N HIS A 292 26.54 1.09 -9.89
CA HIS A 292 26.53 1.26 -8.44
C HIS A 292 27.92 1.11 -7.81
N ARG A 293 28.67 0.08 -8.24
CA ARG A 293 30.01 -0.15 -7.74
C ARG A 293 30.89 1.09 -8.04
N GLU A 294 30.78 1.62 -9.26
CA GLU A 294 31.54 2.79 -9.68
C GLU A 294 31.20 4.04 -8.88
N ALA A 295 29.90 4.30 -8.70
CA ALA A 295 29.41 5.48 -7.93
C ALA A 295 29.90 5.39 -6.50
N THR A 296 29.73 4.21 -5.89
CA THR A 296 30.15 4.01 -4.50
C THR A 296 31.68 4.14 -4.31
N ALA A 297 32.45 3.65 -5.26
CA ALA A 297 33.92 3.76 -5.19
C ALA A 297 34.34 5.25 -5.20
N HIS A 298 33.64 6.07 -5.99
CA HIS A 298 33.92 7.51 -6.06
C HIS A 298 33.55 8.17 -4.73
N LEU A 299 32.39 7.80 -4.17
CA LEU A 299 31.98 8.32 -2.87
C LEU A 299 32.99 7.93 -1.79
N HIS A 300 33.41 6.66 -1.79
CA HIS A 300 34.35 6.20 -0.76
C HIS A 300 35.70 6.92 -0.82
N LYS A 301 36.15 7.21 -2.04
CA LYS A 301 37.39 8.02 -2.24
C LYS A 301 37.23 9.42 -1.65
N HIS A 302 36.13 10.12 -1.94
CA HIS A 302 35.85 11.45 -1.34
C HIS A 302 35.72 11.43 0.18
N LEU A 303 35.02 10.42 0.70
CA LEU A 303 34.90 10.27 2.16
C LEU A 303 36.26 10.10 2.85
N GLN A 304 37.13 9.26 2.27
CA GLN A 304 38.47 9.03 2.83
CA GLN A 304 38.47 9.02 2.82
C GLN A 304 39.32 10.30 2.74
N GLU A 305 39.20 11.02 1.62
CA GLU A 305 39.94 12.28 1.40
C GLU A 305 39.56 13.40 2.37
N MET A 306 38.27 13.48 2.75
CA MET A 306 37.71 14.43 3.73
CA MET A 306 37.84 14.50 3.72
C MET A 306 38.01 14.01 5.18
N GLY A 307 38.57 12.82 5.38
CA GLY A 307 38.86 12.31 6.70
C GLY A 307 37.70 11.71 7.47
N LEU A 308 36.63 11.30 6.75
CA LEU A 308 35.48 10.65 7.38
C LEU A 308 35.82 9.17 7.46
N LYS A 309 35.25 8.50 8.48
CA LYS A 309 35.53 7.10 8.73
C LYS A 309 34.28 6.27 8.45
N PHE A 310 34.50 5.06 8.01
CA PHE A 310 33.41 4.11 7.70
C PHE A 310 32.96 3.37 8.96
N PHE A 311 31.65 3.28 9.14
CA PHE A 311 31.05 2.52 10.24
C PHE A 311 31.38 1.02 10.10
N VAL A 312 31.30 0.51 8.86
CA VAL A 312 31.58 -0.89 8.54
C VAL A 312 33.09 -1.00 8.34
N LYS A 313 33.76 -1.73 9.24
CA LYS A 313 35.24 -1.82 9.20
C LYS A 313 35.83 -2.70 8.10
N ASP A 314 35.13 -3.77 7.72
CA ASP A 314 35.54 -4.65 6.64
C ASP A 314 35.02 -4.05 5.36
N PRO A 315 35.89 -3.49 4.50
CA PRO A 315 35.45 -2.96 3.20
C PRO A 315 34.68 -3.93 2.28
N GLU A 316 34.92 -5.25 2.44
CA GLU A 316 34.27 -6.28 1.64
C GLU A 316 32.80 -6.48 1.95
N ILE A 317 32.33 -5.95 3.06
CA ILE A 317 30.90 -6.07 3.42
C ILE A 317 30.20 -4.70 3.43
N ARG A 318 30.81 -3.68 2.82
CA ARG A 318 30.17 -2.37 2.71
C ARG A 318 29.15 -2.41 1.56
N LEU A 319 27.89 -2.18 1.91
CA LEU A 319 26.78 -2.14 0.94
C LEU A 319 26.96 -1.01 -0.09
N PRO A 320 27.02 -1.35 -1.38
CA PRO A 320 27.25 -0.25 -2.33
C PRO A 320 26.15 0.86 -2.31
N THR A 321 24.93 0.47 -2.05
CA THR A 321 23.82 1.37 -2.21
C THR A 321 23.64 2.34 -1.05
N ILE A 322 23.92 1.93 0.19
CA ILE A 322 23.75 2.80 1.35
C ILE A 322 24.99 2.67 2.19
N THR A 323 25.72 3.78 2.33
CA THR A 323 26.99 3.84 3.09
C THR A 323 26.77 4.47 4.45
N THR A 324 27.25 3.78 5.49
CA THR A 324 27.21 4.31 6.86
C THR A 324 28.58 4.98 7.17
N VAL A 325 28.51 6.25 7.53
CA VAL A 325 29.69 7.08 7.84
C VAL A 325 29.62 7.42 9.30
N THR A 326 30.68 7.13 10.05
CA THR A 326 30.71 7.46 11.48
C THR A 326 30.60 8.97 11.61
N VAL A 327 29.71 9.44 12.50
CA VAL A 327 29.57 10.90 12.68
C VAL A 327 30.96 11.47 13.06
N PRO A 328 31.41 12.56 12.39
CA PRO A 328 32.73 13.10 12.75
C PRO A 328 32.77 13.66 14.19
N ALA A 329 33.87 13.32 14.90
CA ALA A 329 34.08 13.70 16.30
C ALA A 329 34.07 15.22 16.41
N GLY A 330 33.35 15.75 17.38
CA GLY A 330 33.28 17.19 17.63
C GLY A 330 32.09 17.93 17.06
N TYR A 331 31.41 17.36 16.06
CA TYR A 331 30.20 17.97 15.44
C TYR A 331 28.90 17.37 15.94
N ASN A 332 27.81 18.14 15.84
CA ASN A 332 26.44 17.66 16.04
C ASN A 332 26.02 17.20 14.64
N TRP A 333 25.75 15.90 14.49
CA TRP A 333 25.38 15.35 13.20
C TRP A 333 24.14 16.04 12.58
N ARG A 334 23.19 16.51 13.41
CA ARG A 334 21.98 17.19 12.88
C ARG A 334 22.34 18.50 12.17
N ASP A 335 23.40 19.15 12.63
CA ASP A 335 23.90 20.38 11.99
C ASP A 335 24.45 20.05 10.60
N ILE A 336 25.16 18.94 10.47
CA ILE A 336 25.75 18.51 9.19
C ILE A 336 24.62 18.22 8.19
N VAL A 337 23.63 17.43 8.62
CA VAL A 337 22.47 17.06 7.77
C VAL A 337 21.70 18.34 7.34
N SER A 338 21.39 19.20 8.30
CA SER A 338 20.67 20.47 8.02
C SER A 338 21.42 21.41 7.10
N TYR A 339 22.74 21.51 7.25
CA TYR A 339 23.58 22.36 6.42
C TYR A 339 23.54 21.88 4.97
N VAL A 340 23.66 20.56 4.79
CA VAL A 340 23.62 19.98 3.45
C VAL A 340 22.24 20.25 2.77
N LEU A 341 21.18 20.08 3.54
CA LEU A 341 19.82 20.36 3.08
C LEU A 341 19.63 21.84 2.71
N ASP A 342 19.98 22.72 3.65
CA ASP A 342 19.68 24.15 3.50
C ASP A 342 20.50 24.85 2.44
N HIS A 343 21.80 24.56 2.41
CA HIS A 343 22.73 25.22 1.48
C HIS A 343 22.91 24.55 0.12
N PHE A 344 22.62 23.23 0.03
CA PHE A 344 22.79 22.46 -1.23
C PHE A 344 21.56 21.73 -1.77
N SER A 345 20.44 21.77 -1.03
CA SER A 345 19.21 21.07 -1.40
C SER A 345 19.42 19.57 -1.69
N ILE A 346 20.25 18.97 -0.85
CA ILE A 346 20.54 17.53 -0.91
C ILE A 346 20.06 16.96 0.43
N GLU A 347 19.31 15.86 0.33
CA GLU A 347 18.90 15.11 1.50
C GLU A 347 19.85 13.94 1.77
N ILE A 348 20.44 13.91 2.98
CA ILE A 348 21.15 12.73 3.51
C ILE A 348 20.48 12.45 4.85
N SER A 349 20.86 11.37 5.53
CA SER A 349 20.21 10.96 6.78
CA SER A 349 20.22 11.07 6.81
C SER A 349 21.18 10.67 7.90
N GLY A 350 20.60 10.54 9.11
CA GLY A 350 21.34 10.05 10.24
C GLY A 350 21.18 8.53 10.21
N GLY A 351 21.22 7.91 11.39
CA GLY A 351 21.14 6.47 11.53
C GLY A 351 19.74 5.94 11.71
N LEU A 352 19.72 4.66 12.01
CA LEU A 352 18.46 3.91 12.14
C LEU A 352 18.70 2.76 13.08
N GLY A 353 17.74 2.54 13.98
CA GLY A 353 17.86 1.44 14.94
C GLY A 353 19.15 1.54 15.72
N PRO A 354 20.03 0.52 15.62
CA PRO A 354 21.27 0.52 16.40
C PRO A 354 22.29 1.59 16.02
N THR A 355 22.18 2.17 14.81
CA THR A 355 23.06 3.25 14.39
C THR A 355 22.46 4.65 14.62
N GLU A 356 21.31 4.76 15.30
CA GLU A 356 20.74 6.06 15.64
C GLU A 356 21.80 6.85 16.47
N GLU A 357 22.02 8.11 16.10
CA GLU A 357 22.97 9.06 16.67
C GLU A 357 24.44 8.78 16.38
N ARG A 358 24.74 7.66 15.70
CA ARG A 358 26.09 7.19 15.50
C ARG A 358 26.67 7.40 14.09
N VAL A 359 25.78 7.51 13.10
CA VAL A 359 26.22 7.60 11.71
C VAL A 359 25.44 8.61 10.87
N LEU A 360 26.01 8.88 9.69
CA LEU A 360 25.30 9.52 8.59
C LEU A 360 25.10 8.41 7.58
N ARG A 361 23.98 8.43 6.86
CA ARG A 361 23.75 7.46 5.79
C ARG A 361 23.59 8.21 4.46
N ILE A 362 24.35 7.76 3.47
CA ILE A 362 24.34 8.30 2.11
C ILE A 362 23.95 7.18 1.15
N GLY A 363 22.85 7.39 0.41
CA GLY A 363 22.36 6.40 -0.53
C GLY A 363 22.63 6.80 -1.97
N LEU A 364 23.10 5.85 -2.79
CA LEU A 364 23.37 6.04 -4.21
C LEU A 364 22.54 4.96 -4.92
N LEU A 365 21.32 5.34 -5.29
CA LEU A 365 20.28 4.40 -5.71
C LEU A 365 19.79 4.60 -7.14
N GLY A 366 20.09 3.64 -7.99
CA GLY A 366 19.63 3.60 -9.41
C GLY A 366 20.01 4.83 -10.19
N TYR A 367 18.99 5.54 -10.68
CA TYR A 367 19.17 6.82 -11.39
C TYR A 367 20.09 7.79 -10.64
N ASN A 368 20.08 7.76 -9.30
CA ASN A 368 20.93 8.62 -8.50
C ASN A 368 22.40 8.19 -8.29
N ALA A 369 22.76 6.98 -8.75
CA ALA A 369 24.10 6.45 -8.53
C ALA A 369 24.99 6.94 -9.67
N THR A 370 25.37 8.20 -9.54
CA THR A 370 26.22 8.83 -10.56
C THR A 370 27.39 9.49 -9.85
N THR A 371 28.52 9.59 -10.55
CA THR A 371 29.67 10.29 -10.00
C THR A 371 29.39 11.81 -9.85
N GLU A 372 28.58 12.39 -10.71
CA GLU A 372 28.15 13.79 -10.63
C GLU A 372 27.40 14.04 -9.32
N ASN A 373 26.46 13.16 -8.96
CA ASN A 373 25.78 13.32 -7.67
C ASN A 373 26.72 13.17 -6.46
N VAL A 374 27.65 12.24 -6.55
CA VAL A 374 28.69 12.07 -5.52
C VAL A 374 29.48 13.35 -5.36
N ASP A 375 29.88 13.95 -6.48
CA ASP A 375 30.65 15.20 -6.43
C ASP A 375 29.85 16.28 -5.70
N ARG A 376 28.53 16.34 -5.98
CA ARG A 376 27.65 17.31 -5.29
C ARG A 376 27.57 17.09 -3.79
N VAL A 377 27.33 15.84 -3.35
CA VAL A 377 27.25 15.61 -1.88
C VAL A 377 28.62 15.76 -1.19
N ALA A 378 29.71 15.37 -1.87
CA ALA A 378 31.07 15.57 -1.34
C ALA A 378 31.35 17.07 -1.08
N GLU A 379 30.98 17.92 -2.03
CA GLU A 379 31.15 19.38 -1.90
C GLU A 379 30.34 19.89 -0.72
N ALA A 380 29.07 19.43 -0.62
CA ALA A 380 28.20 19.82 0.48
C ALA A 380 28.77 19.44 1.86
N LEU A 381 29.31 18.21 1.96
CA LEU A 381 29.89 17.70 3.20
C LEU A 381 31.15 18.47 3.56
N ARG A 382 32.02 18.73 2.58
CA ARG A 382 33.25 19.52 2.81
CA ARG A 382 33.25 19.50 2.83
C ARG A 382 32.90 20.88 3.42
N GLU A 383 31.91 21.54 2.83
CA GLU A 383 31.46 22.86 3.28
C GLU A 383 30.84 22.78 4.69
N ALA A 384 30.03 21.75 4.96
CA ALA A 384 29.45 21.52 6.27
C ALA A 384 30.55 21.35 7.34
N LEU A 385 31.59 20.59 7.01
CA LEU A 385 32.71 20.35 7.94
C LEU A 385 33.47 21.63 8.26
N GLN A 386 33.64 22.50 7.27
CA GLN A 386 34.34 23.77 7.53
C GLN A 386 33.48 24.82 8.25
N HIS A 387 32.14 24.74 8.16
CA HIS A 387 31.24 25.76 8.79
C HIS A 387 30.43 25.35 9.99
N CYS A 388 30.02 24.08 10.08
CA CYS A 388 29.22 23.63 11.24
C CYS A 388 30.04 23.73 12.54
N PRO A 389 29.38 24.12 13.68
CA PRO A 389 30.06 24.25 14.96
C PRO A 389 30.75 22.96 15.43
N LYS A 390 32.02 23.07 15.79
CA LYS A 390 32.83 21.95 16.28
C LYS A 390 33.27 22.17 17.74
N ASN A 391 33.40 21.07 18.50
CA ASN A 391 33.77 21.08 19.92
C ASN A 391 35.11 20.37 20.14
N MET B 2 29.71 -9.17 -13.10
CA MET B 2 29.91 -8.44 -11.81
C MET B 2 29.80 -9.31 -10.57
N GLY B 3 29.08 -10.43 -10.65
CA GLY B 3 28.87 -11.36 -9.51
C GLY B 3 29.37 -12.77 -9.83
N SER B 4 28.91 -13.74 -9.03
CA SER B 4 29.37 -15.15 -9.09
C SER B 4 28.68 -16.11 -10.09
N TYR B 5 27.60 -15.65 -10.71
CA TYR B 5 26.85 -16.44 -11.70
C TYR B 5 26.63 -15.65 -12.97
N GLN B 6 26.20 -16.36 -14.01
CA GLN B 6 25.78 -15.75 -15.28
C GLN B 6 24.27 -15.53 -15.21
N LEU B 7 23.79 -14.43 -15.80
CA LEU B 7 22.36 -14.14 -15.89
C LEU B 7 21.73 -15.15 -16.85
N LEU B 8 20.73 -15.91 -16.38
CA LEU B 8 20.00 -16.87 -17.23
C LEU B 8 18.56 -16.44 -17.56
N VAL B 9 17.99 -15.45 -16.86
CA VAL B 9 16.66 -14.91 -17.21
C VAL B 9 16.91 -13.66 -18.06
N PRO B 10 16.41 -13.63 -19.32
CA PRO B 10 16.70 -12.50 -20.20
C PRO B 10 15.78 -11.27 -19.97
N PRO B 11 16.20 -10.07 -20.44
CA PRO B 11 15.32 -8.90 -20.27
C PRO B 11 13.99 -9.09 -21.07
N PRO B 12 12.81 -8.81 -20.47
CA PRO B 12 11.54 -8.97 -21.20
C PRO B 12 11.37 -7.94 -22.28
N GLU B 13 11.20 -8.42 -23.50
CA GLU B 13 11.04 -7.52 -24.66
C GLU B 13 9.76 -6.67 -24.59
N ALA B 14 8.70 -7.20 -23.98
CA ALA B 14 7.45 -6.47 -23.84
C ALA B 14 7.60 -5.08 -23.14
N LEU B 15 8.56 -5.00 -22.21
CA LEU B 15 8.81 -3.76 -21.47
C LEU B 15 9.39 -2.59 -22.29
N SER B 16 10.00 -2.88 -23.45
CA SER B 16 10.62 -1.86 -24.31
C SER B 16 9.58 -0.97 -25.02
N LYS B 17 8.36 -1.49 -25.21
CA LYS B 17 7.26 -0.75 -25.84
C LYS B 17 6.79 0.37 -24.91
N PRO B 18 6.53 1.58 -25.44
CA PRO B 18 6.03 2.68 -24.62
C PRO B 18 4.75 2.36 -23.86
N LEU B 19 4.68 2.76 -22.60
CA LEU B 19 3.47 2.54 -21.78
C LEU B 19 2.47 3.60 -22.16
N SER B 20 1.29 3.16 -22.61
CA SER B 20 0.15 4.05 -22.83
C SER B 20 -1.09 3.31 -22.31
N VAL B 21 -2.09 4.11 -21.98
CA VAL B 21 -3.37 3.56 -21.56
C VAL B 21 -4.48 4.26 -22.34
N PRO B 22 -5.59 3.53 -22.62
CA PRO B 22 -6.70 4.17 -23.33
C PRO B 22 -7.43 5.21 -22.48
N THR B 23 -8.11 6.09 -23.17
CA THR B 23 -8.89 7.14 -22.56
C THR B 23 -10.31 6.62 -22.44
N ARG B 24 -10.71 6.31 -21.21
CA ARG B 24 -12.05 5.83 -20.94
C ARG B 24 -12.72 6.57 -19.76
N LEU B 25 -14.04 6.58 -19.79
CA LEU B 25 -14.87 7.14 -18.73
C LEU B 25 -15.19 5.97 -17.79
N LEU B 26 -14.77 6.09 -16.54
CA LEU B 26 -14.89 5.03 -15.55
C LEU B 26 -16.12 5.30 -14.73
N LEU B 27 -17.23 4.65 -15.14
CA LEU B 27 -18.51 4.75 -14.47
C LEU B 27 -18.96 3.46 -13.83
N GLY B 28 -18.00 2.70 -13.33
CA GLY B 28 -18.25 1.53 -12.56
C GLY B 28 -18.31 1.89 -11.09
N PRO B 29 -18.40 0.85 -10.24
CA PRO B 29 -18.39 1.06 -8.79
C PRO B 29 -17.04 1.57 -8.24
N GLY B 30 -16.04 1.70 -9.09
CA GLY B 30 -14.76 2.19 -8.73
C GLY B 30 -13.76 1.33 -9.46
N PRO B 31 -12.55 1.84 -9.71
CA PRO B 31 -12.09 3.18 -9.36
C PRO B 31 -12.67 4.24 -10.30
N SER B 32 -12.68 5.50 -9.85
CA SER B 32 -13.18 6.61 -10.67
C SER B 32 -12.06 7.31 -11.41
N ASN B 33 -12.42 8.16 -12.39
CA ASN B 33 -11.46 9.00 -13.08
C ASN B 33 -10.92 10.02 -12.10
N LEU B 34 -9.68 10.44 -12.35
CA LEU B 34 -9.01 11.38 -11.48
C LEU B 34 -9.39 12.80 -11.80
N ALA B 35 -9.57 13.59 -10.74
CA ALA B 35 -9.74 15.01 -10.92
C ALA B 35 -8.45 15.64 -11.54
N PRO B 36 -8.59 16.70 -12.37
CA PRO B 36 -7.44 17.34 -13.01
C PRO B 36 -6.23 17.65 -12.09
N ARG B 37 -6.49 18.27 -10.93
CA ARG B 37 -5.41 18.52 -9.96
C ARG B 37 -4.77 17.23 -9.39
N VAL B 38 -5.55 16.16 -9.31
CA VAL B 38 -5.04 14.87 -8.83
C VAL B 38 -4.16 14.20 -9.88
N LEU B 39 -4.58 14.22 -11.15
CA LEU B 39 -3.72 13.74 -12.25
C LEU B 39 -2.37 14.47 -12.22
N ALA B 40 -2.42 15.79 -12.09
CA ALA B 40 -1.19 16.58 -12.05
C ALA B 40 -0.29 16.25 -10.87
N ALA B 41 -0.92 15.96 -9.72
CA ALA B 41 -0.17 15.65 -8.51
C ALA B 41 0.65 14.35 -8.66
N GLY B 42 0.20 13.47 -9.55
CA GLY B 42 0.88 12.21 -9.81
C GLY B 42 2.30 12.32 -10.34
N SER B 43 2.61 13.43 -10.99
CA SER B 43 3.96 13.67 -11.54
CA SER B 43 3.95 13.71 -11.57
C SER B 43 4.85 14.60 -10.67
N LEU B 44 4.39 14.96 -9.47
CA LEU B 44 5.23 15.75 -8.55
C LEU B 44 6.48 15.00 -8.13
N ARG B 45 7.56 15.74 -7.87
CA ARG B 45 8.80 15.15 -7.47
C ARG B 45 8.73 14.55 -6.05
N MET B 46 9.67 13.66 -5.77
CA MET B 46 9.79 13.04 -4.46
CA MET B 46 9.80 13.04 -4.45
C MET B 46 10.57 13.95 -3.50
N ILE B 47 10.21 13.85 -2.22
CA ILE B 47 10.94 14.47 -1.10
C ILE B 47 10.95 13.41 0.02
N GLY B 48 11.83 13.56 0.99
CA GLY B 48 11.98 12.58 2.08
C GLY B 48 10.68 12.54 2.85
N HIS B 49 10.23 11.31 3.15
CA HIS B 49 8.94 11.14 3.81
CA HIS B 49 8.97 11.07 3.84
C HIS B 49 8.82 11.75 5.21
N MET B 50 9.94 12.05 5.88
CA MET B 50 9.85 12.69 7.21
C MET B 50 10.39 14.13 7.23
N GLN B 51 10.58 14.71 6.05
CA GLN B 51 11.04 16.10 5.92
C GLN B 51 9.90 17.04 6.31
N LYS B 52 10.24 18.26 6.73
CA LYS B 52 9.25 19.27 7.16
C LYS B 52 8.06 19.47 6.22
N GLU B 53 8.33 19.48 4.92
CA GLU B 53 7.27 19.66 3.92
C GLU B 53 6.29 18.52 3.90
N MET B 54 6.78 17.28 4.08
CA MET B 54 5.91 16.10 4.13
CA MET B 54 5.93 16.12 4.11
C MET B 54 5.08 16.09 5.41
N LEU B 55 5.71 16.45 6.53
CA LEU B 55 4.97 16.54 7.81
C LEU B 55 3.82 17.58 7.69
N GLN B 56 4.05 18.67 6.96
CA GLN B 56 3.01 19.69 6.77
C GLN B 56 1.88 19.13 5.91
N ILE B 57 2.24 18.42 4.83
CA ILE B 57 1.26 17.75 3.95
C ILE B 57 0.41 16.76 4.76
N MET B 58 1.07 16.00 5.65
CA MET B 58 0.36 15.04 6.50
C MET B 58 -0.60 15.77 7.45
N GLU B 59 -0.19 16.92 8.00
CA GLU B 59 -1.07 17.70 8.88
CA GLU B 59 -1.08 17.68 8.90
C GLU B 59 -2.29 18.21 8.12
N GLU B 60 -2.08 18.68 6.89
CA GLU B 60 -3.18 19.15 6.02
C GLU B 60 -4.16 18.02 5.65
N ILE B 61 -3.59 16.82 5.36
CA ILE B 61 -4.38 15.63 5.08
C ILE B 61 -5.22 15.26 6.32
N LYS B 62 -4.62 15.26 7.52
CA LYS B 62 -5.39 14.96 8.77
CA LYS B 62 -5.41 14.94 8.74
C LYS B 62 -6.59 15.89 8.91
N GLN B 63 -6.35 17.18 8.70
CA GLN B 63 -7.40 18.19 8.77
C GLN B 63 -8.49 17.95 7.73
N GLY B 64 -8.10 17.57 6.53
CA GLY B 64 -9.01 17.24 5.43
C GLY B 64 -9.86 16.04 5.76
N ILE B 65 -9.25 15.03 6.39
CA ILE B 65 -9.99 13.81 6.80
C ILE B 65 -11.00 14.20 7.88
N GLN B 66 -10.58 15.02 8.83
CA GLN B 66 -11.49 15.51 9.90
C GLN B 66 -12.68 16.24 9.33
N TYR B 67 -12.44 17.07 8.31
CA TYR B 67 -13.48 17.77 7.58
C TYR B 67 -14.46 16.83 6.84
N VAL B 68 -13.97 15.91 6.00
CA VAL B 68 -14.87 15.04 5.24
CA VAL B 68 -14.84 15.04 5.23
C VAL B 68 -15.62 14.04 6.11
N PHE B 69 -14.99 13.54 7.18
CA PHE B 69 -15.65 12.63 8.15
C PHE B 69 -16.57 13.40 9.10
N GLN B 70 -16.30 14.70 9.29
CA GLN B 70 -16.99 15.57 10.26
C GLN B 70 -16.72 15.04 11.68
N THR B 71 -15.43 14.96 12.00
CA THR B 71 -14.95 14.52 13.30
C THR B 71 -13.86 15.45 13.84
N ARG B 72 -13.79 15.56 15.17
CA ARG B 72 -12.73 16.26 15.88
C ARG B 72 -11.71 15.26 16.45
N ASN B 73 -11.87 13.96 16.18
CA ASN B 73 -10.98 12.92 16.70
C ASN B 73 -9.51 13.15 16.39
N PRO B 74 -8.63 13.30 17.43
CA PRO B 74 -7.21 13.47 17.11
CA PRO B 74 -7.20 13.47 17.13
C PRO B 74 -6.58 12.23 16.45
N LEU B 75 -7.10 11.04 16.75
CA LEU B 75 -6.62 9.78 16.16
CA LEU B 75 -6.57 9.80 16.14
C LEU B 75 -7.30 9.57 14.79
N THR B 76 -6.84 10.34 13.81
CA THR B 76 -7.36 10.33 12.43
C THR B 76 -6.14 10.35 11.54
N LEU B 77 -6.06 9.42 10.59
CA LEU B 77 -4.85 9.21 9.80
C LEU B 77 -5.08 8.41 8.54
N VAL B 78 -4.03 8.27 7.74
CA VAL B 78 -4.07 7.48 6.52
C VAL B 78 -3.41 6.13 6.77
N VAL B 79 -4.04 5.08 6.23
CA VAL B 79 -3.59 3.71 6.28
C VAL B 79 -3.04 3.47 4.90
N SER B 80 -1.84 2.93 4.83
CA SER B 80 -1.10 2.81 3.57
C SER B 80 -1.47 1.52 2.88
N GLY B 81 -2.73 1.45 2.43
CA GLY B 81 -3.34 0.30 1.72
C GLY B 81 -4.76 0.67 1.24
N SER B 82 -5.32 -0.21 0.37
N SER B 82 -5.38 -0.16 0.41
CA SER B 82 -6.54 0.05 -0.46
CA SER B 82 -6.73 0.11 -0.09
C SER B 82 -7.84 -0.75 -0.37
C SER B 82 -7.80 -0.09 1.02
N GLY B 83 -8.75 -0.36 -1.25
N GLY B 83 -9.07 0.13 0.69
CA GLY B 83 -10.08 -0.93 -1.31
CA GLY B 83 -10.18 -0.07 1.64
C GLY B 83 -10.56 -0.99 0.13
C GLY B 83 -10.10 -1.35 2.46
N HIS B 84 -10.84 -2.18 0.61
N HIS B 84 -9.66 -2.45 1.81
CA HIS B 84 -11.29 -2.29 1.97
CA HIS B 84 -9.47 -3.74 2.47
C HIS B 84 -10.17 -2.84 2.89
C HIS B 84 -8.45 -3.67 3.57
N CYS B 85 -8.89 -2.53 2.60
N CYS B 85 -7.33 -3.02 3.28
CA CYS B 85 -7.68 -2.87 3.47
CA CYS B 85 -6.36 -2.77 4.30
C CYS B 85 -7.75 -2.37 4.94
C CYS B 85 -6.97 -1.95 5.44
N ALA B 86 -7.89 -1.02 5.14
CA ALA B 86 -8.37 -0.29 6.31
C ALA B 86 -9.30 -1.17 7.19
N MET B 87 -10.17 -2.00 6.56
CA MET B 87 -11.01 -2.96 7.32
C MET B 87 -10.13 -3.85 8.23
N GLU B 88 -9.03 -4.43 7.69
CA GLU B 88 -8.10 -5.21 8.53
C GLU B 88 -7.45 -4.41 9.64
N THR B 89 -7.02 -3.17 9.37
CA THR B 89 -6.48 -2.30 10.40
C THR B 89 -7.47 -2.13 11.55
N ALA B 90 -8.71 -1.80 11.19
CA ALA B 90 -9.74 -1.62 12.21
C ALA B 90 -9.89 -2.90 13.05
N LEU B 91 -10.15 -4.03 12.37
CA LEU B 91 -10.42 -5.30 13.06
C LEU B 91 -9.22 -5.87 13.85
N PHE B 92 -8.02 -5.81 13.27
CA PHE B 92 -6.81 -6.29 13.97
C PHE B 92 -6.56 -5.53 15.26
N ASN B 93 -6.85 -4.22 15.27
CA ASN B 93 -6.61 -3.39 16.46
C ASN B 93 -7.75 -3.46 17.46
N LEU B 94 -8.99 -3.52 16.96
CA LEU B 94 -10.17 -3.50 17.84
C LEU B 94 -10.55 -4.83 18.44
N LEU B 95 -10.24 -5.95 17.77
CA LEU B 95 -10.66 -7.29 18.25
C LEU B 95 -9.48 -8.09 18.79
N GLU B 96 -9.68 -8.67 19.98
CA GLU B 96 -8.76 -9.61 20.60
C GLU B 96 -9.38 -10.99 20.42
N PRO B 97 -8.55 -12.05 20.45
CA PRO B 97 -9.08 -13.41 20.38
C PRO B 97 -10.13 -13.65 21.48
N GLY B 98 -11.29 -14.18 21.09
CA GLY B 98 -12.40 -14.39 22.00
C GLY B 98 -13.42 -13.28 22.09
N ASP B 99 -13.12 -12.08 21.57
CA ASP B 99 -14.07 -10.97 21.57
C ASP B 99 -15.27 -11.28 20.69
N SER B 100 -16.47 -10.97 21.23
CA SER B 100 -17.70 -11.11 20.49
C SER B 100 -17.79 -9.97 19.48
N PHE B 101 -18.07 -10.32 18.22
CA PHE B 101 -18.09 -9.38 17.08
C PHE B 101 -19.34 -9.62 16.31
N LEU B 102 -20.06 -8.54 15.98
CA LEU B 102 -21.30 -8.60 15.25
C LEU B 102 -21.20 -7.84 13.94
N THR B 103 -21.64 -8.48 12.86
CA THR B 103 -21.63 -7.88 11.53
C THR B 103 -23.00 -7.78 10.91
N GLY B 104 -23.19 -6.70 10.14
CA GLY B 104 -24.34 -6.50 9.32
C GLY B 104 -24.01 -7.13 7.97
N THR B 105 -24.24 -8.44 7.87
CA THR B 105 -24.00 -9.20 6.62
C THR B 105 -25.18 -9.11 5.67
N ASN B 106 -25.21 -8.01 4.91
CA ASN B 106 -26.24 -7.72 3.90
C ASN B 106 -25.65 -7.61 2.47
N GLY B 107 -24.45 -8.15 2.29
CA GLY B 107 -23.74 -8.06 1.02
C GLY B 107 -22.35 -8.59 1.22
N ILE B 108 -21.45 -8.31 0.27
CA ILE B 108 -20.12 -8.88 0.38
C ILE B 108 -19.27 -8.33 1.55
N TRP B 109 -19.47 -7.06 1.91
CA TRP B 109 -18.54 -6.41 2.89
C TRP B 109 -18.67 -6.96 4.31
N GLY B 110 -19.89 -7.16 4.77
CA GLY B 110 -20.14 -7.84 6.06
C GLY B 110 -19.61 -9.28 6.06
N MET B 111 -19.75 -9.97 4.92
CA MET B 111 -19.16 -11.33 4.77
C MET B 111 -17.65 -11.29 4.91
N ARG B 112 -17.03 -10.29 4.30
CA ARG B 112 -15.59 -10.11 4.37
C ARG B 112 -15.12 -9.79 5.80
N ALA B 113 -15.80 -8.84 6.44
CA ALA B 113 -15.49 -8.52 7.86
C ALA B 113 -15.57 -9.78 8.74
N ALA B 114 -16.61 -10.61 8.52
CA ALA B 114 -16.76 -11.84 9.30
C ALA B 114 -15.62 -12.82 9.08
N GLU B 115 -15.17 -12.95 7.84
CA GLU B 115 -14.04 -13.82 7.54
C GLU B 115 -12.73 -13.33 8.21
N ILE B 116 -12.43 -12.04 8.11
CA ILE B 116 -11.21 -11.46 8.71
C ILE B 116 -11.23 -11.66 10.24
N ALA B 117 -12.36 -11.36 10.86
CA ALA B 117 -12.53 -11.57 12.30
C ALA B 117 -12.34 -13.05 12.72
N ASP B 118 -12.86 -13.98 11.92
CA ASP B 118 -12.65 -15.40 12.18
C ASP B 118 -11.18 -15.78 12.11
N ARG B 119 -10.44 -15.21 11.15
CA ARG B 119 -9.00 -15.47 11.02
C ARG B 119 -8.18 -15.07 12.24
N ILE B 120 -8.62 -14.02 12.95
CA ILE B 120 -7.94 -13.52 14.14
C ILE B 120 -8.52 -14.04 15.46
N GLY B 121 -9.47 -14.99 15.38
CA GLY B 121 -9.99 -15.68 16.55
C GLY B 121 -11.11 -15.02 17.31
N ALA B 122 -11.82 -14.08 16.67
CA ALA B 122 -13.00 -13.46 17.32
C ALA B 122 -14.15 -14.49 17.29
N ARG B 123 -15.13 -14.31 18.18
CA ARG B 123 -16.37 -15.08 18.18
C ARG B 123 -17.28 -14.27 17.28
N VAL B 124 -17.44 -14.73 16.06
CA VAL B 124 -18.17 -13.98 15.05
C VAL B 124 -19.64 -14.33 14.95
N HIS B 125 -20.47 -13.30 15.03
CA HIS B 125 -21.89 -13.41 14.87
C HIS B 125 -22.37 -12.53 13.70
N GLN B 126 -23.17 -13.09 12.82
CA GLN B 126 -23.66 -12.36 11.64
C GLN B 126 -25.17 -12.19 11.67
N MET B 127 -25.63 -10.99 11.30
CA MET B 127 -27.03 -10.70 11.12
C MET B 127 -27.13 -10.75 9.59
N ILE B 128 -27.62 -11.87 9.08
CA ILE B 128 -27.73 -12.12 7.65
C ILE B 128 -29.05 -11.56 7.11
N LYS B 129 -28.95 -10.70 6.09
CA LYS B 129 -30.09 -10.13 5.37
C LYS B 129 -29.84 -10.32 3.89
N LYS B 130 -30.94 -10.41 3.14
CA LYS B 130 -30.84 -10.61 1.71
C LYS B 130 -30.15 -9.41 1.07
N PRO B 131 -29.33 -9.67 0.04
CA PRO B 131 -28.72 -8.55 -0.69
C PRO B 131 -29.84 -7.60 -1.20
N GLY B 132 -29.63 -6.29 -1.05
CA GLY B 132 -30.63 -5.28 -1.36
C GLY B 132 -31.44 -4.72 -0.20
N GLU B 133 -31.22 -5.23 1.00
CA GLU B 133 -31.91 -4.77 2.21
C GLU B 133 -30.92 -4.07 3.15
N HIS B 134 -31.49 -3.28 4.05
CA HIS B 134 -30.74 -2.54 5.08
C HIS B 134 -31.24 -3.02 6.45
N TYR B 135 -30.53 -2.57 7.49
CA TYR B 135 -30.84 -2.91 8.91
C TYR B 135 -31.70 -1.83 9.57
N THR B 136 -32.68 -2.28 10.35
CA THR B 136 -33.46 -1.40 11.19
C THR B 136 -32.78 -1.34 12.53
N LEU B 137 -33.10 -0.31 13.30
CA LEU B 137 -32.61 -0.18 14.67
C LEU B 137 -33.07 -1.37 15.50
N GLN B 138 -34.28 -1.86 15.22
CA GLN B 138 -34.86 -3.00 15.98
C GLN B 138 -34.06 -4.31 15.78
N GLU B 139 -33.74 -4.61 14.53
CA GLU B 139 -32.92 -5.79 14.14
C GLU B 139 -31.54 -5.76 14.79
N VAL B 140 -30.89 -4.58 14.76
CA VAL B 140 -29.58 -4.42 15.37
C VAL B 140 -29.69 -4.63 16.87
N GLU B 141 -30.73 -4.07 17.52
CA GLU B 141 -30.88 -4.24 18.97
C GLU B 141 -30.99 -5.72 19.36
N GLU B 142 -31.73 -6.47 18.56
CA GLU B 142 -31.90 -7.93 18.82
C GLU B 142 -30.58 -8.68 18.71
N GLY B 143 -29.73 -8.28 17.76
CA GLY B 143 -28.39 -8.86 17.66
C GLY B 143 -27.46 -8.46 18.78
N LEU B 144 -27.49 -7.19 19.18
CA LEU B 144 -26.70 -6.71 20.31
C LEU B 144 -27.09 -7.46 21.62
N ALA B 145 -28.39 -7.53 21.84
CA ALA B 145 -28.92 -8.21 23.05
C ALA B 145 -28.54 -9.69 23.07
N GLN B 146 -28.66 -10.34 21.91
CA GLN B 146 -28.34 -11.77 21.81
C GLN B 146 -26.87 -12.07 22.03
N HIS B 147 -26.01 -11.37 21.29
CA HIS B 147 -24.60 -11.72 21.23
C HIS B 147 -23.64 -10.91 22.08
N LYS B 148 -24.10 -9.79 22.67
CA LYS B 148 -23.28 -8.95 23.54
C LYS B 148 -21.88 -8.65 22.95
N PRO B 149 -21.88 -8.14 21.69
CA PRO B 149 -20.61 -7.86 21.05
C PRO B 149 -19.88 -6.65 21.64
N VAL B 150 -18.55 -6.68 21.54
CA VAL B 150 -17.73 -5.50 21.84
C VAL B 150 -17.68 -4.51 20.67
N LEU B 151 -18.02 -5.00 19.46
CA LEU B 151 -17.94 -4.24 18.25
C LEU B 151 -18.99 -4.66 17.26
N LEU B 152 -19.67 -3.68 16.65
CA LEU B 152 -20.60 -3.89 15.57
C LEU B 152 -19.97 -3.24 14.30
N PHE B 153 -20.00 -4.01 13.22
CA PHE B 153 -19.58 -3.55 11.89
C PHE B 153 -20.82 -3.32 11.04
N LEU B 154 -20.97 -2.11 10.53
CA LEU B 154 -22.08 -1.71 9.68
CA LEU B 154 -22.08 -1.73 9.62
C LEU B 154 -21.51 -1.05 8.40
N VAL B 155 -22.07 -1.41 7.24
CA VAL B 155 -21.63 -0.80 5.96
C VAL B 155 -22.55 0.34 5.63
N HIS B 156 -22.00 1.53 5.43
CA HIS B 156 -22.81 2.69 5.06
C HIS B 156 -23.23 2.60 3.59
N GLY B 157 -22.25 2.47 2.72
CA GLY B 157 -22.49 2.32 1.26
C GLY B 157 -22.14 0.92 0.87
N GLU B 158 -23.15 0.07 0.67
CA GLU B 158 -22.91 -1.33 0.33
C GLU B 158 -22.76 -1.36 -1.19
N SER B 159 -21.51 -1.29 -1.64
CA SER B 159 -21.20 -1.26 -3.08
C SER B 159 -21.56 -2.53 -3.87
N SER B 160 -21.67 -3.68 -3.20
CA SER B 160 -22.05 -4.92 -3.90
C SER B 160 -23.56 -4.97 -4.19
N THR B 161 -24.37 -4.29 -3.38
CA THR B 161 -25.85 -4.32 -3.53
C THR B 161 -26.52 -2.98 -3.89
N GLY B 162 -25.77 -1.88 -3.88
CA GLY B 162 -26.31 -0.55 -4.17
C GLY B 162 -27.21 0.01 -3.07
N VAL B 163 -26.95 -0.40 -1.82
CA VAL B 163 -27.73 0.03 -0.67
C VAL B 163 -27.01 1.08 0.14
N VAL B 164 -27.75 2.11 0.56
CA VAL B 164 -27.27 3.09 1.56
C VAL B 164 -28.00 2.79 2.88
N GLN B 165 -27.21 2.54 3.91
CA GLN B 165 -27.72 2.21 5.25
C GLN B 165 -28.03 3.48 6.03
N PRO B 166 -29.24 3.63 6.57
CA PRO B 166 -29.47 4.75 7.48
C PRO B 166 -28.56 4.64 8.71
N LEU B 167 -27.99 5.77 9.16
CA LEU B 167 -27.08 5.77 10.32
C LEU B 167 -27.65 6.42 11.57
N ASP B 168 -28.72 7.24 11.48
CA ASP B 168 -29.19 7.91 12.69
C ASP B 168 -29.64 6.86 13.72
N GLY B 169 -29.19 7.05 14.95
CA GLY B 169 -29.60 6.22 16.09
C GLY B 169 -28.77 4.98 16.35
N PHE B 170 -27.97 4.51 15.38
CA PHE B 170 -27.20 3.26 15.54
C PHE B 170 -26.08 3.33 16.56
N GLY B 171 -25.34 4.44 16.56
CA GLY B 171 -24.27 4.66 17.53
C GLY B 171 -24.80 4.67 18.95
N GLU B 172 -25.84 5.48 19.18
CA GLU B 172 -26.47 5.61 20.50
C GLU B 172 -26.97 4.23 21.00
N LEU B 173 -27.59 3.46 20.10
CA LEU B 173 -28.07 2.10 20.39
C LEU B 173 -26.92 1.22 20.82
N CYS B 174 -25.83 1.20 20.01
CA CYS B 174 -24.64 0.41 20.35
C CYS B 174 -24.10 0.75 21.74
N HIS B 175 -24.03 2.04 22.03
CA HIS B 175 -23.48 2.50 23.31
C HIS B 175 -24.35 2.05 24.52
N ARG B 176 -25.66 1.89 24.32
CA ARG B 176 -26.56 1.37 25.38
CA ARG B 176 -26.54 1.37 25.39
C ARG B 176 -26.21 -0.10 25.73
N TYR B 177 -25.59 -0.82 24.78
CA TYR B 177 -25.11 -2.21 24.93
C TYR B 177 -23.58 -2.32 25.11
N GLN B 178 -22.94 -1.19 25.45
CA GLN B 178 -21.47 -1.13 25.66
C GLN B 178 -20.71 -1.70 24.45
N CYS B 179 -21.22 -1.39 23.27
CA CYS B 179 -20.65 -1.85 22.01
C CYS B 179 -20.15 -0.65 21.21
N LEU B 180 -19.02 -0.82 20.53
CA LEU B 180 -18.43 0.18 19.64
C LEU B 180 -19.02 0.02 18.26
N LEU B 181 -19.23 1.14 17.55
CA LEU B 181 -19.77 1.13 16.18
C LEU B 181 -18.62 1.47 15.20
N LEU B 182 -18.40 0.55 14.27
CA LEU B 182 -17.40 0.67 13.20
C LEU B 182 -18.21 0.77 11.89
N VAL B 183 -17.99 1.85 11.13
CA VAL B 183 -18.69 2.06 9.87
C VAL B 183 -17.70 2.08 8.69
N ASP B 184 -18.09 1.36 7.64
CA ASP B 184 -17.41 1.39 6.33
C ASP B 184 -18.13 2.44 5.48
N SER B 185 -17.41 3.51 5.10
CA SER B 185 -17.93 4.55 4.23
C SER B 185 -17.06 4.66 2.95
N VAL B 186 -16.43 3.57 2.56
CA VAL B 186 -15.61 3.52 1.32
C VAL B 186 -16.40 4.02 0.09
N ALA B 187 -17.64 3.55 -0.07
CA ALA B 187 -18.43 3.90 -1.26
C ALA B 187 -19.38 5.08 -1.11
N SER B 188 -19.52 5.60 0.12
CA SER B 188 -20.46 6.70 0.40
C SER B 188 -19.80 8.03 0.76
N LEU B 189 -18.60 8.02 1.35
CA LEU B 189 -17.94 9.27 1.80
C LEU B 189 -17.82 10.29 0.69
N GLY B 190 -18.27 11.51 0.94
CA GLY B 190 -18.22 12.59 -0.07
C GLY B 190 -19.47 12.67 -0.93
N GLY B 191 -20.21 11.57 -1.06
CA GLY B 191 -21.44 11.51 -1.82
C GLY B 191 -22.75 11.38 -1.06
N VAL B 192 -22.68 10.99 0.22
CA VAL B 192 -23.85 10.77 1.08
C VAL B 192 -23.59 11.46 2.41
N PRO B 193 -24.59 12.13 3.00
CA PRO B 193 -24.30 12.76 4.29
C PRO B 193 -23.83 11.78 5.39
N ILE B 194 -22.72 12.12 6.02
CA ILE B 194 -22.17 11.38 7.18
C ILE B 194 -21.64 12.42 8.15
N TYR B 195 -21.96 12.24 9.42
CA TYR B 195 -21.51 13.15 10.48
C TYR B 195 -20.95 12.22 11.57
N MET B 196 -19.66 11.92 11.51
CA MET B 196 -19.11 10.89 12.38
C MET B 196 -19.37 11.08 13.88
N ASP B 197 -18.97 12.22 14.41
CA ASP B 197 -19.16 12.46 15.85
C ASP B 197 -20.62 12.59 16.24
N GLN B 198 -21.37 13.37 15.46
CA GLN B 198 -22.76 13.65 15.74
C GLN B 198 -23.69 12.44 15.67
N GLN B 199 -23.31 11.46 14.86
CA GLN B 199 -24.00 10.21 14.72
C GLN B 199 -23.47 9.10 15.63
N GLY B 200 -22.55 9.42 16.54
CA GLY B 200 -22.04 8.42 17.50
C GLY B 200 -21.26 7.25 16.90
N ILE B 201 -20.59 7.48 15.76
CA ILE B 201 -19.77 6.47 15.11
C ILE B 201 -18.40 6.54 15.77
N ASP B 202 -17.94 5.42 16.32
CA ASP B 202 -16.70 5.35 17.07
C ASP B 202 -15.47 5.17 16.20
N ILE B 203 -15.59 4.32 15.19
CA ILE B 203 -14.53 4.08 14.21
C ILE B 203 -15.16 4.16 12.80
N MET B 204 -14.43 4.80 11.89
CA MET B 204 -14.90 4.90 10.50
C MET B 204 -13.70 4.85 9.58
N TYR B 205 -13.88 4.20 8.43
CA TYR B 205 -12.84 4.22 7.38
C TYR B 205 -13.46 4.44 6.02
N SER B 206 -12.65 4.96 5.11
CA SER B 206 -13.06 5.12 3.72
C SER B 206 -11.76 4.91 2.88
N SER B 207 -11.87 5.14 1.57
CA SER B 207 -10.76 4.95 0.62
CA SER B 207 -10.73 4.98 0.67
CA SER B 207 -10.74 4.97 0.65
C SER B 207 -10.65 6.13 -0.31
N SER B 208 -9.52 6.18 -1.02
CA SER B 208 -9.22 7.26 -1.96
C SER B 208 -9.86 7.23 -3.34
N GLN B 209 -10.19 6.04 -3.84
CA GLN B 209 -10.60 5.85 -5.26
C GLN B 209 -12.03 5.88 -5.66
N LYS B 210 -12.94 6.21 -4.73
CA LYS B 210 -14.37 6.26 -5.02
CA LYS B 210 -14.35 6.24 -4.99
C LYS B 210 -14.71 7.72 -5.23
N VAL B 211 -15.46 8.37 -4.34
CA VAL B 211 -15.87 9.77 -4.57
C VAL B 211 -14.69 10.73 -4.58
N LEU B 212 -13.65 10.40 -3.81
CA LEU B 212 -12.48 11.27 -3.70
C LEU B 212 -11.71 11.45 -5.01
N ASN B 213 -11.89 10.57 -6.01
CA ASN B 213 -11.23 10.73 -7.33
C ASN B 213 -9.70 10.78 -7.22
N ALA B 214 -9.17 9.95 -6.32
CA ALA B 214 -7.76 9.78 -6.13
C ALA B 214 -7.42 8.36 -6.57
N PRO B 215 -6.12 8.12 -6.87
CA PRO B 215 -5.81 6.76 -7.29
C PRO B 215 -6.00 5.76 -6.11
N PRO B 216 -6.27 4.48 -6.43
CA PRO B 216 -6.39 3.48 -5.37
C PRO B 216 -5.04 3.27 -4.68
N GLY B 217 -5.15 2.85 -3.43
CA GLY B 217 -3.97 2.48 -2.67
C GLY B 217 -3.86 2.97 -1.29
N ILE B 218 -4.62 4.02 -0.92
CA ILE B 218 -4.57 4.53 0.45
C ILE B 218 -5.99 4.66 1.00
N SER B 219 -6.07 4.58 2.31
CA SER B 219 -7.35 4.65 3.01
CA SER B 219 -7.33 4.63 3.02
C SER B 219 -7.28 5.66 4.14
N LEU B 220 -8.46 6.04 4.62
CA LEU B 220 -8.65 7.07 5.63
C LEU B 220 -9.30 6.40 6.85
N ILE B 221 -8.82 6.65 8.07
CA ILE B 221 -9.45 6.01 9.25
C ILE B 221 -9.46 6.99 10.41
N SER B 222 -10.47 6.86 11.28
CA SER B 222 -10.57 7.68 12.48
C SER B 222 -11.11 6.85 13.62
N PHE B 223 -10.56 7.03 14.82
CA PHE B 223 -10.95 6.33 16.04
C PHE B 223 -11.24 7.42 17.08
N ASN B 224 -12.36 7.29 17.79
CA ASN B 224 -12.69 8.23 18.85
C ASN B 224 -12.04 7.80 20.17
N ASP B 225 -12.31 8.54 21.26
CA ASP B 225 -11.67 8.19 22.55
C ASP B 225 -12.07 6.81 23.10
N LYS B 226 -13.35 6.44 22.94
CA LYS B 226 -13.86 5.14 23.39
C LYS B 226 -13.18 3.99 22.61
N ALA B 227 -13.06 4.17 21.30
CA ALA B 227 -12.37 3.19 20.45
C ALA B 227 -10.89 3.13 20.77
N LYS B 228 -10.28 4.32 20.97
CA LYS B 228 -8.87 4.43 21.36
C LYS B 228 -8.66 3.62 22.66
N TYR B 229 -9.59 3.73 23.63
CA TYR B 229 -9.48 2.97 24.89
C TYR B 229 -9.46 1.46 24.67
N LYS B 230 -10.32 0.93 23.78
CA LYS B 230 -10.34 -0.50 23.47
C LYS B 230 -8.99 -0.97 22.87
N VAL B 231 -8.41 -0.14 22.01
CA VAL B 231 -7.12 -0.43 21.34
C VAL B 231 -5.97 -0.39 22.32
N TYR B 232 -5.86 0.73 23.03
CA TYR B 232 -4.72 0.94 23.97
C TYR B 232 -4.81 0.11 25.26
N SER B 233 -5.94 -0.58 25.50
CA SER B 233 -6.15 -1.49 26.64
C SER B 233 -6.06 -3.00 26.32
N ARG B 234 -5.63 -3.40 25.12
CA ARG B 234 -5.50 -4.82 24.79
C ARG B 234 -4.52 -5.62 25.68
N LYS B 235 -4.77 -6.94 25.81
CA LYS B 235 -3.90 -7.84 26.58
C LYS B 235 -2.69 -8.29 25.76
N THR B 236 -2.91 -8.69 24.49
CA THR B 236 -1.83 -9.11 23.58
C THR B 236 -1.63 -8.06 22.46
N LYS B 237 -0.47 -8.10 21.83
CA LYS B 237 -0.19 -7.21 20.69
C LYS B 237 -1.07 -7.63 19.48
N PRO B 238 -1.51 -6.65 18.64
CA PRO B 238 -2.25 -7.08 17.43
C PRO B 238 -1.29 -7.84 16.51
N VAL B 239 -1.85 -8.54 15.53
CA VAL B 239 -1.03 -9.44 14.74
C VAL B 239 -0.10 -8.73 13.79
N SER B 240 -0.47 -7.53 13.35
CA SER B 240 0.33 -6.74 12.43
C SER B 240 1.04 -5.60 13.12
N PHE B 241 2.38 -5.58 13.01
CA PHE B 241 3.17 -4.45 13.49
C PHE B 241 2.91 -3.22 12.54
N TYR B 242 2.88 -3.39 11.24
N TYR B 242 2.85 -3.45 11.19
CA TYR B 242 2.74 -2.27 10.32
CA TYR B 242 2.56 -2.47 10.01
C TYR B 242 1.31 -1.64 10.12
C TYR B 242 1.36 -1.59 10.31
N THR B 243 0.30 -2.24 10.79
CA THR B 243 -1.00 -1.59 10.96
C THR B 243 -1.36 -1.40 12.45
N ASP B 244 -0.41 -1.57 13.40
CA ASP B 244 -0.63 -1.38 14.83
C ASP B 244 -0.91 0.13 15.01
N ILE B 245 -2.10 0.47 15.54
CA ILE B 245 -2.51 1.90 15.67
C ILE B 245 -1.69 2.67 16.66
N THR B 246 -1.19 2.02 17.68
CA THR B 246 -0.31 2.71 18.64
CA THR B 246 -0.27 2.71 18.62
C THR B 246 0.92 3.31 17.88
N TYR B 247 1.45 2.59 16.88
CA TYR B 247 2.61 3.07 16.09
C TYR B 247 2.19 4.08 14.98
N LEU B 248 1.06 3.82 14.31
CA LEU B 248 0.58 4.71 13.27
C LEU B 248 0.19 6.08 13.85
N ALA B 249 -0.38 6.09 15.06
CA ALA B 249 -0.78 7.32 15.76
C ALA B 249 0.40 8.26 15.94
N LYS B 250 1.57 7.69 16.27
CA LYS B 250 2.79 8.47 16.51
C LYS B 250 3.38 8.96 15.17
N LEU B 251 3.43 8.10 14.17
CA LEU B 251 3.88 8.48 12.80
C LEU B 251 3.11 9.71 12.31
N TRP B 252 1.80 9.71 12.53
CA TRP B 252 0.91 10.79 12.09
C TRP B 252 0.74 11.96 13.06
N GLY B 253 1.48 11.99 14.16
CA GLY B 253 1.46 13.08 15.11
C GLY B 253 0.17 13.24 15.86
N CYS B 254 -0.45 12.10 16.20
CA CYS B 254 -1.74 12.09 16.90
C CYS B 254 -1.67 12.21 18.43
N GLU B 255 -0.44 12.26 18.97
CA GLU B 255 -0.20 12.43 20.41
C GLU B 255 0.66 13.68 20.67
N THR B 258 5.03 11.87 21.25
CA THR B 258 6.10 12.24 20.33
C THR B 258 6.08 11.36 19.09
N ARG B 259 6.63 11.89 17.99
CA ARG B 259 6.66 11.19 16.69
C ARG B 259 7.67 10.01 16.70
N VAL B 260 7.48 9.02 15.80
CA VAL B 260 8.35 7.80 15.70
C VAL B 260 8.48 7.27 14.26
N ILE B 261 9.66 6.68 13.92
CA ILE B 261 9.89 6.06 12.59
C ILE B 261 9.12 4.73 12.50
N HIS B 262 8.55 4.42 11.34
CA HIS B 262 7.71 3.23 11.21
C HIS B 262 7.83 2.65 9.79
N HIS B 263 6.97 3.05 8.84
CA HIS B 263 7.08 2.60 7.45
C HIS B 263 7.30 3.82 6.54
N THR B 264 7.75 3.57 5.31
CA THR B 264 7.92 4.64 4.32
C THR B 264 6.52 4.90 3.76
N THR B 265 6.03 6.12 3.96
CA THR B 265 4.67 6.47 3.51
C THR B 265 4.61 6.59 1.97
N PRO B 266 3.43 6.38 1.37
CA PRO B 266 3.29 6.49 -0.09
C PRO B 266 3.15 7.96 -0.49
N VAL B 267 4.29 8.61 -0.60
CA VAL B 267 4.41 10.06 -0.84
C VAL B 267 3.52 10.60 -1.97
N THR B 268 3.59 9.98 -3.15
CA THR B 268 2.76 10.41 -4.29
C THR B 268 1.26 10.27 -4.01
N SER B 269 0.85 9.16 -3.37
CA SER B 269 -0.57 8.95 -3.00
C SER B 269 -1.03 10.03 -2.02
N LEU B 270 -0.12 10.43 -1.12
CA LEU B 270 -0.40 11.52 -0.17
C LEU B 270 -0.56 12.83 -0.92
N TYR B 271 0.29 13.10 -1.91
CA TYR B 271 0.07 14.32 -2.73
C TYR B 271 -1.32 14.30 -3.37
N CYS B 272 -1.68 13.17 -3.98
CA CYS B 272 -2.97 13.01 -4.60
C CYS B 272 -4.13 13.21 -3.61
N LEU B 273 -4.00 12.57 -2.45
CA LEU B 273 -5.03 12.66 -1.44
C LEU B 273 -5.20 14.11 -0.94
N ARG B 274 -4.08 14.78 -0.72
CA ARG B 274 -4.12 16.20 -0.28
C ARG B 274 -4.96 17.02 -1.28
N GLU B 275 -4.68 16.85 -2.57
CA GLU B 275 -5.43 17.57 -3.61
C GLU B 275 -6.91 17.19 -3.67
N SER B 276 -7.23 15.89 -3.50
CA SER B 276 -8.62 15.46 -3.47
CA SER B 276 -8.63 15.48 -3.49
CA SER B 276 -8.62 15.43 -3.47
C SER B 276 -9.37 16.11 -2.32
N LEU B 277 -8.72 16.14 -1.15
CA LEU B 277 -9.34 16.72 0.06
C LEU B 277 -9.49 18.23 -0.12
N ALA B 278 -8.49 18.84 -0.74
CA ALA B 278 -8.56 20.28 -1.05
C ALA B 278 -9.75 20.62 -1.95
N LEU B 279 -10.02 19.78 -2.95
CA LEU B 279 -11.15 19.98 -3.88
C LEU B 279 -12.49 19.89 -3.16
N ILE B 280 -12.66 18.88 -2.30
CA ILE B 280 -13.89 18.73 -1.54
C ILE B 280 -14.08 19.92 -0.60
N ALA B 281 -13.00 20.35 0.07
CA ALA B 281 -13.05 21.50 0.98
C ALA B 281 -13.47 22.79 0.25
N GLU B 282 -12.97 22.99 -0.99
CA GLU B 282 -13.32 24.18 -1.82
CA GLU B 282 -13.32 24.19 -1.79
C GLU B 282 -14.79 24.15 -2.26
N GLN B 283 -15.24 22.98 -2.71
CA GLN B 283 -16.63 22.77 -3.18
CA GLN B 283 -16.61 22.77 -3.18
C GLN B 283 -17.59 22.84 -2.00
N GLY B 284 -17.19 22.21 -0.89
CA GLY B 284 -18.00 22.13 0.32
C GLY B 284 -18.81 20.85 0.32
N LEU B 285 -18.89 20.18 1.48
CA LEU B 285 -19.64 18.91 1.58
C LEU B 285 -21.08 18.94 1.10
N GLU B 286 -21.83 19.95 1.57
CA GLU B 286 -23.24 20.07 1.18
C GLU B 286 -23.44 20.12 -0.35
N ASN B 287 -22.58 20.87 -1.05
CA ASN B 287 -22.62 20.96 -2.52
C ASN B 287 -22.25 19.64 -3.18
N CYS B 288 -21.28 18.93 -2.57
CA CYS B 288 -20.88 17.62 -3.10
CA CYS B 288 -20.86 17.59 -3.07
C CYS B 288 -22.02 16.61 -2.93
N TRP B 289 -22.70 16.64 -1.78
CA TRP B 289 -23.85 15.75 -1.59
C TRP B 289 -24.96 16.05 -2.58
N ARG B 290 -25.24 17.34 -2.78
CA ARG B 290 -26.26 17.77 -3.73
C ARG B 290 -25.99 17.28 -5.16
N ARG B 291 -24.75 17.45 -5.63
CA ARG B 291 -24.42 17.06 -7.02
C ARG B 291 -24.55 15.54 -7.23
N HIS B 292 -24.29 14.76 -6.18
CA HIS B 292 -24.48 13.32 -6.24
C HIS B 292 -25.96 12.94 -6.29
N ARG B 293 -26.79 13.56 -5.45
CA ARG B 293 -28.25 13.32 -5.53
C ARG B 293 -28.81 13.72 -6.89
N GLU B 294 -28.36 14.85 -7.40
CA GLU B 294 -28.82 15.38 -8.67
C GLU B 294 -28.46 14.48 -9.85
N ALA B 295 -27.20 14.04 -9.91
CA ALA B 295 -26.76 13.12 -10.97
C ALA B 295 -27.49 11.78 -10.93
N THR B 296 -27.61 11.21 -9.72
CA THR B 296 -28.32 9.96 -9.54
C THR B 296 -29.79 10.05 -9.94
N ALA B 297 -30.47 11.14 -9.57
CA ALA B 297 -31.87 11.35 -9.97
C ALA B 297 -32.02 11.33 -11.49
N HIS B 298 -31.10 12.00 -12.18
CA HIS B 298 -31.08 12.04 -13.63
C HIS B 298 -30.84 10.63 -14.24
N LEU B 299 -29.88 9.88 -13.68
CA LEU B 299 -29.62 8.48 -14.08
C LEU B 299 -30.86 7.62 -13.88
N HIS B 300 -31.45 7.70 -12.70
CA HIS B 300 -32.63 6.89 -12.37
C HIS B 300 -33.81 7.17 -13.31
N LYS B 301 -34.00 8.44 -13.65
CA LYS B 301 -35.02 8.86 -14.65
C LYS B 301 -34.76 8.17 -16.02
N HIS B 302 -33.51 8.19 -16.49
CA HIS B 302 -33.10 7.45 -17.70
C HIS B 302 -33.33 5.93 -17.62
N LEU B 303 -32.95 5.30 -16.50
CA LEU B 303 -33.09 3.83 -16.35
C LEU B 303 -34.54 3.38 -16.36
N GLN B 304 -35.39 4.13 -15.66
CA GLN B 304 -36.85 3.88 -15.63
C GLN B 304 -37.44 3.98 -17.03
N GLU B 305 -37.06 5.04 -17.75
CA GLU B 305 -37.56 5.29 -19.13
C GLU B 305 -37.14 4.24 -20.16
N MET B 306 -36.00 3.59 -19.97
CA MET B 306 -35.55 2.53 -20.88
C MET B 306 -35.98 1.08 -20.49
N GLY B 307 -36.82 0.93 -19.46
CA GLY B 307 -37.35 -0.37 -19.03
C GLY B 307 -36.52 -1.18 -18.04
N LEU B 308 -35.41 -0.61 -17.56
CA LEU B 308 -34.54 -1.29 -16.58
C LEU B 308 -35.11 -1.12 -15.16
N LYS B 309 -34.96 -2.16 -14.36
CA LYS B 309 -35.51 -2.25 -13.00
C LYS B 309 -34.38 -2.17 -11.98
N PHE B 310 -34.66 -1.52 -10.86
CA PHE B 310 -33.72 -1.33 -9.77
C PHE B 310 -33.67 -2.59 -8.93
N PHE B 311 -32.45 -3.02 -8.64
CA PHE B 311 -32.23 -4.16 -7.75
C PHE B 311 -32.74 -3.89 -6.30
N VAL B 312 -32.60 -2.65 -5.83
CA VAL B 312 -33.06 -2.22 -4.50
C VAL B 312 -34.47 -1.68 -4.64
N LYS B 313 -35.43 -2.32 -3.97
CA LYS B 313 -36.86 -1.97 -4.16
C LYS B 313 -37.29 -0.62 -3.55
N ASP B 314 -36.79 -0.29 -2.36
CA ASP B 314 -37.15 0.95 -1.67
C ASP B 314 -36.27 2.08 -2.22
N PRO B 315 -36.88 3.14 -2.84
CA PRO B 315 -36.04 4.23 -3.35
C PRO B 315 -35.18 4.96 -2.31
N GLU B 316 -35.67 5.10 -1.07
CA GLU B 316 -34.93 5.79 -0.03
C GLU B 316 -33.63 5.07 0.39
N ILE B 317 -33.48 3.77 0.08
CA ILE B 317 -32.31 2.95 0.40
CA ILE B 317 -32.21 3.06 0.44
C ILE B 317 -31.31 2.82 -0.78
N ARG B 318 -31.62 3.48 -1.90
CA ARG B 318 -30.74 3.40 -3.08
C ARG B 318 -29.56 4.35 -2.88
N LEU B 319 -28.37 3.76 -2.92
CA LEU B 319 -27.13 4.45 -2.71
C LEU B 319 -26.89 5.43 -3.87
N PRO B 320 -26.79 6.75 -3.56
CA PRO B 320 -26.61 7.72 -4.65
C PRO B 320 -25.38 7.45 -5.54
N THR B 321 -24.31 6.98 -4.92
CA THR B 321 -23.04 6.79 -5.61
C THR B 321 -22.97 5.59 -6.56
N ILE B 322 -23.51 4.45 -6.16
CA ILE B 322 -23.44 3.21 -6.95
C ILE B 322 -24.83 2.62 -7.03
N THR B 323 -25.38 2.56 -8.25
CA THR B 323 -26.69 2.00 -8.52
C THR B 323 -26.60 0.56 -9.03
N THR B 324 -27.40 -0.35 -8.46
CA THR B 324 -27.53 -1.73 -8.92
C THR B 324 -28.82 -1.81 -9.78
N VAL B 325 -28.64 -2.28 -11.00
CA VAL B 325 -29.71 -2.44 -11.97
C VAL B 325 -29.84 -3.94 -12.21
N THR B 326 -31.04 -4.49 -12.04
CA THR B 326 -31.28 -5.89 -12.33
C THR B 326 -31.01 -6.15 -13.82
N VAL B 327 -30.22 -7.19 -14.11
CA VAL B 327 -29.86 -7.54 -15.49
C VAL B 327 -31.17 -7.82 -16.27
N PRO B 328 -31.39 -7.13 -17.41
CA PRO B 328 -32.64 -7.33 -18.15
C PRO B 328 -32.81 -8.77 -18.64
N ALA B 329 -34.03 -9.29 -18.54
CA ALA B 329 -34.34 -10.69 -18.94
C ALA B 329 -34.03 -10.93 -20.40
N GLY B 330 -33.41 -12.08 -20.68
CA GLY B 330 -33.07 -12.46 -22.05
C GLY B 330 -31.68 -12.05 -22.51
N TYR B 331 -31.02 -11.14 -21.80
CA TYR B 331 -29.68 -10.68 -22.18
C TYR B 331 -28.59 -11.37 -21.37
N ASN B 332 -27.41 -11.44 -21.98
CA ASN B 332 -26.18 -11.88 -21.33
C ASN B 332 -25.56 -10.57 -20.83
N TRP B 333 -25.48 -10.39 -19.51
CA TRP B 333 -24.93 -9.15 -18.89
C TRP B 333 -23.53 -8.79 -19.39
N ARG B 334 -22.70 -9.80 -19.66
CA ARG B 334 -21.37 -9.58 -20.21
C ARG B 334 -21.38 -8.91 -21.57
N ASP B 335 -22.35 -9.28 -22.42
CA ASP B 335 -22.52 -8.62 -23.70
C ASP B 335 -22.81 -7.11 -23.52
N ILE B 336 -23.65 -6.76 -22.54
CA ILE B 336 -24.03 -5.36 -22.31
C ILE B 336 -22.80 -4.56 -21.86
N VAL B 337 -22.12 -5.09 -20.87
CA VAL B 337 -20.90 -4.44 -20.36
C VAL B 337 -19.84 -4.26 -21.47
N SER B 338 -19.60 -5.31 -22.28
CA SER B 338 -18.61 -5.21 -23.37
CA SER B 338 -18.59 -5.19 -23.34
C SER B 338 -19.07 -4.26 -24.46
N TYR B 339 -20.40 -4.22 -24.74
CA TYR B 339 -20.96 -3.32 -25.76
C TYR B 339 -20.70 -1.85 -25.37
N VAL B 340 -21.00 -1.50 -24.12
CA VAL B 340 -20.75 -0.15 -23.59
C VAL B 340 -19.25 0.23 -23.65
N LEU B 341 -18.37 -0.70 -23.30
CA LEU B 341 -16.91 -0.50 -23.40
C LEU B 341 -16.43 -0.31 -24.83
N ASP B 342 -16.79 -1.26 -25.71
CA ASP B 342 -16.28 -1.28 -27.08
C ASP B 342 -16.78 -0.15 -27.94
N HIS B 343 -18.08 0.19 -27.82
CA HIS B 343 -18.69 1.22 -28.66
C HIS B 343 -18.71 2.64 -28.12
N PHE B 344 -18.57 2.81 -26.79
CA PHE B 344 -18.61 4.15 -26.16
C PHE B 344 -17.43 4.49 -25.24
N SER B 345 -16.49 3.56 -25.04
CA SER B 345 -15.32 3.78 -24.18
C SER B 345 -15.73 4.18 -22.75
N ILE B 346 -16.76 3.50 -22.25
CA ILE B 346 -17.28 3.70 -20.90
C ILE B 346 -17.20 2.35 -20.17
N GLU B 347 -16.65 2.38 -18.98
CA GLU B 347 -16.59 1.21 -18.12
C GLU B 347 -17.77 1.24 -17.14
N ILE B 348 -18.56 0.15 -17.17
CA ILE B 348 -19.56 -0.15 -16.13
C ILE B 348 -19.17 -1.57 -15.70
N SER B 349 -19.89 -2.13 -14.74
CA SER B 349 -19.58 -3.46 -14.19
CA SER B 349 -19.57 -3.48 -14.27
C SER B 349 -20.81 -4.32 -14.00
N GLY B 350 -20.55 -5.57 -13.67
CA GLY B 350 -21.58 -6.49 -13.25
C GLY B 350 -21.64 -6.46 -11.72
N GLY B 351 -21.96 -7.61 -11.12
CA GLY B 351 -22.14 -7.72 -9.68
C GLY B 351 -20.89 -8.13 -8.93
N LEU B 352 -21.09 -8.38 -7.66
CA LEU B 352 -20.00 -8.70 -6.73
C LEU B 352 -20.57 -9.51 -5.60
N GLY B 353 -19.88 -10.59 -5.24
CA GLY B 353 -20.32 -11.44 -4.13
C GLY B 353 -21.74 -11.96 -4.35
N PRO B 354 -22.70 -11.62 -3.45
CA PRO B 354 -24.07 -12.11 -3.65
C PRO B 354 -24.85 -11.54 -4.87
N THR B 355 -24.37 -10.46 -5.47
CA THR B 355 -25.02 -9.94 -6.68
C THR B 355 -24.30 -10.39 -7.97
N GLU B 356 -23.26 -11.24 -7.89
CA GLU B 356 -22.60 -11.78 -9.10
C GLU B 356 -23.67 -12.43 -10.02
N GLU B 357 -23.58 -12.10 -11.31
CA GLU B 357 -24.52 -12.54 -12.36
C GLU B 357 -25.94 -11.91 -12.31
N ARG B 358 -26.25 -11.14 -11.27
CA ARG B 358 -27.61 -10.63 -11.02
C ARG B 358 -27.86 -9.19 -11.41
N VAL B 359 -26.80 -8.37 -11.40
CA VAL B 359 -26.93 -6.94 -11.62
C VAL B 359 -25.86 -6.31 -12.49
N LEU B 360 -26.16 -5.08 -12.94
CA LEU B 360 -25.17 -4.18 -13.50
C LEU B 360 -24.96 -3.11 -12.42
N ARG B 361 -23.73 -2.59 -12.31
CA ARG B 361 -23.40 -1.52 -11.39
C ARG B 361 -22.86 -0.30 -12.13
N ILE B 362 -23.45 0.84 -11.85
CA ILE B 362 -23.10 2.14 -12.45
C ILE B 362 -22.76 3.06 -11.31
N GLY B 363 -21.54 3.61 -11.33
CA GLY B 363 -21.06 4.53 -10.28
C GLY B 363 -20.95 5.96 -10.77
N LEU B 364 -21.46 6.90 -9.97
CA LEU B 364 -21.39 8.35 -10.25
C LEU B 364 -20.64 8.92 -9.09
N LEU B 365 -19.30 9.00 -9.24
CA LEU B 365 -18.39 9.33 -8.13
C LEU B 365 -17.62 10.62 -8.33
N GLY B 366 -17.86 11.57 -7.44
CA GLY B 366 -17.22 12.86 -7.41
C GLY B 366 -17.21 13.59 -8.74
N TYR B 367 -16.00 13.85 -9.24
CA TYR B 367 -15.74 14.51 -10.54
C TYR B 367 -16.61 13.94 -11.66
N ASN B 368 -16.87 12.62 -11.63
CA ASN B 368 -17.69 11.98 -12.64
C ASN B 368 -19.20 12.07 -12.50
N ALA B 369 -19.68 12.60 -11.38
CA ALA B 369 -21.13 12.70 -11.12
C ALA B 369 -21.67 13.96 -11.80
N THR B 370 -21.83 13.87 -13.12
CA THR B 370 -22.27 14.98 -13.98
C THR B 370 -23.39 14.54 -14.91
N THR B 371 -24.15 15.53 -15.36
CA THR B 371 -25.26 15.34 -16.29
C THR B 371 -24.81 14.73 -17.55
N GLU B 372 -23.73 15.29 -18.11
CA GLU B 372 -23.13 14.79 -19.34
C GLU B 372 -22.78 13.33 -19.20
N ASN B 373 -22.17 12.93 -18.08
CA ASN B 373 -21.77 11.52 -17.94
C ASN B 373 -22.93 10.56 -17.85
N VAL B 374 -23.98 10.96 -17.16
CA VAL B 374 -25.22 10.19 -17.10
C VAL B 374 -25.83 10.06 -18.51
N ASP B 375 -25.91 11.16 -19.24
CA ASP B 375 -26.42 11.12 -20.63
C ASP B 375 -25.58 10.23 -21.52
N ARG B 376 -24.26 10.27 -21.34
CA ARG B 376 -23.36 9.34 -22.06
C ARG B 376 -23.64 7.85 -21.79
N VAL B 377 -23.75 7.48 -20.52
CA VAL B 377 -23.94 6.07 -20.19
C VAL B 377 -25.37 5.63 -20.56
N ALA B 378 -26.35 6.54 -20.43
CA ALA B 378 -27.75 6.23 -20.81
C ALA B 378 -27.81 5.89 -22.30
N GLU B 379 -27.17 6.72 -23.13
CA GLU B 379 -27.09 6.44 -24.58
C GLU B 379 -26.45 5.08 -24.87
N ALA B 380 -25.32 4.82 -24.21
CA ALA B 380 -24.62 3.53 -24.38
C ALA B 380 -25.50 2.34 -23.98
N LEU B 381 -26.20 2.46 -22.87
CA LEU B 381 -27.10 1.39 -22.40
C LEU B 381 -28.29 1.21 -23.35
N ARG B 382 -28.92 2.30 -23.80
CA ARG B 382 -30.03 2.14 -24.78
C ARG B 382 -29.56 1.41 -26.03
N GLU B 383 -28.37 1.75 -26.53
CA GLU B 383 -27.86 1.07 -27.72
C GLU B 383 -27.51 -0.40 -27.43
N ALA B 384 -26.92 -0.69 -26.27
CA ALA B 384 -26.66 -2.10 -25.85
C ALA B 384 -27.95 -2.93 -25.84
N LEU B 385 -29.03 -2.37 -25.31
CA LEU B 385 -30.33 -3.07 -25.27
C LEU B 385 -30.86 -3.35 -26.70
N GLN B 386 -30.58 -2.41 -27.61
CA GLN B 386 -31.00 -2.57 -29.02
C GLN B 386 -30.19 -3.62 -29.79
N HIS B 387 -28.89 -3.69 -29.51
CA HIS B 387 -27.96 -4.48 -30.33
C HIS B 387 -27.37 -5.76 -29.74
N CYS B 388 -27.41 -5.91 -28.42
CA CYS B 388 -26.95 -7.15 -27.78
C CYS B 388 -28.00 -8.26 -28.00
N PRO B 389 -27.55 -9.51 -28.24
CA PRO B 389 -28.52 -10.60 -28.47
C PRO B 389 -29.46 -10.82 -27.27
N LYS B 390 -30.76 -10.96 -27.55
CA LYS B 390 -31.79 -11.12 -26.52
C LYS B 390 -32.63 -12.36 -26.82
N ASN B 391 -32.80 -13.22 -25.81
CA ASN B 391 -33.64 -14.43 -25.90
C ASN B 391 -35.06 -14.11 -25.47
N1 PLP C . 14.54 -3.82 4.74
C2 PLP C . 15.40 -2.80 4.41
C2A PLP C . 16.88 -3.02 4.37
C3 PLP C . 14.89 -1.53 4.13
O3 PLP C . 15.79 -0.57 3.79
C4 PLP C . 13.51 -1.30 4.17
C4A PLP C . 12.91 0.07 3.92
O4A PLP C . 13.38 1.04 4.49
C5 PLP C . 12.65 -2.35 4.47
C6 PLP C . 13.17 -3.59 4.78
C5A PLP C . 11.15 -2.17 4.53
O4P PLP C . 10.94 -0.79 4.61
P PLP C . 10.00 0.12 3.69
O1P PLP C . 8.64 -0.02 4.40
O2P PLP C . 10.42 1.51 4.10
O3P PLP C . 10.33 -0.12 2.14
CL CL D . 12.08 13.16 -7.92
C1 EDO E . 29.79 6.74 -14.94
O1 EDO E . 29.05 6.01 -13.94
C2 EDO E . 30.94 7.49 -14.28
O2 EDO E . 30.90 8.95 -14.36
C1 EDO F . -0.44 -16.91 11.73
O1 EDO F . -0.18 -18.12 11.06
C2 EDO F . -0.05 -15.76 10.80
O2 EDO F . -0.80 -15.79 9.60
C1 EDO G . 13.01 -17.52 23.01
O1 EDO G . 13.91 -16.74 22.24
C2 EDO G . 11.65 -17.59 22.34
O2 EDO G . 11.72 -18.60 21.32
C1 EDO H . 28.32 -13.81 -3.11
O1 EDO H . 28.22 -14.65 -1.97
C2 EDO H . 27.83 -12.41 -2.84
O2 EDO H . 26.42 -12.54 -2.57
N1 PLP I . -16.25 -1.41 1.26
C2 PLP I . -16.85 -0.93 0.13
C2A PLP I . -18.23 -0.36 0.22
C3 PLP I . -16.20 -0.97 -1.09
O3 PLP I . -16.82 -0.51 -2.20
C4 PLP I . -14.92 -1.51 -1.19
C4A PLP I . -14.09 -1.20 -2.41
O4A PLP I . -14.28 -1.82 -3.45
C5 PLP I . -14.30 -1.99 -0.04
C6 PLP I . -14.98 -1.93 1.18
C5A PLP I . -12.92 -2.59 -0.10
O4P PLP I . -12.00 -1.60 -0.44
P PLP I . -11.01 -1.66 -1.72
O1P PLP I . -9.83 -2.58 -1.55
O2P PLP I . -11.73 -2.13 -2.97
O3P PLP I . -10.76 -0.16 -1.75
CL CL J . -8.46 9.49 -15.22
C1 EDO K . -5.65 -10.37 17.13
O1 EDO K . -6.18 -9.49 18.11
C2 EDO K . -5.64 -9.61 15.80
O2 EDO K . -4.72 -8.53 15.84
#